data_8IDD
#
_entry.id   8IDD
#
_cell.length_a   1.00
_cell.length_b   1.00
_cell.length_c   1.00
_cell.angle_alpha   90.00
_cell.angle_beta   90.00
_cell.angle_gamma   90.00
#
_symmetry.space_group_name_H-M   'P 1'
#
loop_
_entity.id
_entity.type
_entity.pdbx_description
1 polymer 'Cell division ATP-binding protein FtsE'
2 polymer 'Cell division protein FtsX'
3 polymer 'Probable endopeptidase MT2245'
4 non-polymer "ADENOSINE-5'-TRIPHOSPHATE"
#
loop_
_entity_poly.entity_id
_entity_poly.type
_entity_poly.pdbx_seq_one_letter_code
_entity_poly.pdbx_strand_id
1 'polypeptide(L)'
;MMITLDHVTKQYKSSARPALDDINVKIDKGEFVFLIGPSGSGKSTFMRLLLAAETPTSGDVRVSKFHVNKLRGRHVPKLR
QVIGCVFQDFRLLQQKTVYDNVAFALEVIGKRTDAINRVVPEVLETVGLSGKANRLPDELSGGEQQRVAIARAFVNRPLV
LLADEPTGNLDPETSRDIMDLLERINRTGTTVLMATHDHHIVDSMRQRVVELSLGRLVRDEQRGVYGMDR
;
B,A
2 'polypeptide(L)'
;MRFGFLLNEVLTGFRRNVTMTIAMILTTAISVGLFGGGMLVVRLADSSRAIYLDRVESQVFLTEDVSANDSSCDTTACKA
LREKIETRSDVKAVRFLNRQQAYDDAIRKFPQFKDVAGKDSFPASFIVKLENPEQHKDFDTAMKGQPGVLDVLNQKELID
RLFAVLDGLSNAAFAVALVQAIGAILLIANMVQVAAYTRRTEIGIMRLVGASRWYTQLPFLVEAMLAATMGVGIAVAGLM
VVRALFLENALNQFYQANLIAKVDYADILFITPWLLLLGVAMSGLTAYLTLRLYVRR
;
D,C
3 'polypeptide(L)'
;MRLDQRWLIARVIMRSAIGFFASFTVSSGVLAANVLADPADDALAKLNELSRQAEQTTEALHSAQLDLNEKLAAQRAADQ
KLADNRTALDAARARLATFQTAVNKVAAATYMGGRTHGMDAILTAESPQLLIDRLSVQRVMAHQMSTQMARFKAAGEQAV
KAEQAAAKSAADARSAAEQAAAVRANLQHKQSQLQVQIAVVKSQYVALTPEERTALADPGPVPAVAAIAPGAPPAALPPG
APPGDGPAPGVAPPPGGMPGLPFVQPDGAGGDRTAVVQAALTQVGAPYAWGGAAPGGFDCSGLVMWAFQQAGIALPHSSQ
ALAHGGQPVALSDLQPGDVLTFYSDASHAGIYIGDGLMVHSSTYGVPVRVVPMDSSGPIYDARRY
;
E
#
loop_
_chem_comp.id
_chem_comp.type
_chem_comp.name
_chem_comp.formula
ATP non-polymer ADENOSINE-5'-TRIPHOSPHATE 'C10 H16 N5 O13 P3'
#
# COMPACT_ATOMS: atom_id res chain seq x y z
N MET A 1 14.26 -58.13 -10.93
CA MET A 1 13.81 -56.83 -11.41
C MET A 1 12.43 -56.49 -10.87
N MET A 2 12.18 -56.88 -9.62
CA MET A 2 10.89 -56.63 -8.99
C MET A 2 10.84 -55.21 -8.42
N ILE A 3 9.69 -54.87 -7.84
CA ILE A 3 9.49 -53.56 -7.23
C ILE A 3 9.48 -53.72 -5.72
N THR A 4 10.64 -53.56 -5.08
CA THR A 4 10.76 -53.80 -3.65
C THR A 4 11.97 -53.08 -3.08
N LEU A 5 11.96 -52.92 -1.75
CA LEU A 5 13.01 -52.26 -1.02
C LEU A 5 13.60 -53.22 0.00
N ASP A 6 14.84 -52.95 0.41
CA ASP A 6 15.52 -53.78 1.38
C ASP A 6 16.40 -52.94 2.29
N HIS A 7 16.47 -53.34 3.56
CA HIS A 7 17.39 -52.82 4.58
C HIS A 7 17.23 -51.31 4.79
N VAL A 8 16.03 -50.92 5.24
CA VAL A 8 15.66 -49.52 5.35
C VAL A 8 15.83 -49.08 6.79
N THR A 9 16.17 -47.81 7.00
CA THR A 9 16.17 -47.20 8.32
C THR A 9 15.80 -45.74 8.17
N LYS A 10 15.33 -45.14 9.27
CA LYS A 10 14.97 -43.72 9.29
C LYS A 10 15.23 -43.19 10.69
N GLN A 11 16.41 -42.62 10.90
CA GLN A 11 16.81 -42.19 12.24
C GLN A 11 16.13 -40.89 12.65
N TYR A 12 15.87 -40.01 11.68
CA TYR A 12 15.35 -38.63 11.86
C TYR A 12 16.34 -37.89 12.77
N LYS A 13 15.87 -37.17 13.79
CA LYS A 13 16.78 -36.50 14.73
C LYS A 13 17.11 -37.42 15.91
N SER A 14 16.09 -37.86 16.63
CA SER A 14 16.23 -38.84 17.70
C SER A 14 15.91 -40.22 17.14
N SER A 15 16.85 -41.15 17.27
CA SER A 15 16.70 -42.47 16.69
C SER A 15 15.65 -43.30 17.41
N ALA A 16 15.92 -43.62 18.69
CA ALA A 16 15.08 -44.44 19.57
C ALA A 16 14.72 -45.77 18.92
N ARG A 17 13.55 -45.83 18.29
CA ARG A 17 13.16 -46.93 17.42
C ARG A 17 13.06 -46.35 16.02
N PRO A 18 14.17 -46.35 15.27
CA PRO A 18 14.19 -45.64 13.98
C PRO A 18 13.48 -46.38 12.87
N ALA A 19 12.14 -46.43 12.94
CA ALA A 19 11.26 -47.16 12.03
C ALA A 19 11.66 -48.62 11.91
N LEU A 20 12.41 -48.96 10.87
CA LEU A 20 12.89 -50.31 10.65
C LEU A 20 14.41 -50.34 10.69
N ASP A 21 14.96 -51.54 10.75
CA ASP A 21 16.40 -51.75 10.76
C ASP A 21 16.91 -52.43 9.49
N ASP A 22 16.35 -53.59 9.16
CA ASP A 22 16.79 -54.33 7.98
C ASP A 22 15.62 -55.18 7.49
N ILE A 23 15.15 -54.93 6.28
CA ILE A 23 14.07 -55.71 5.69
C ILE A 23 14.59 -56.39 4.43
N ASN A 24 13.89 -57.45 4.03
CA ASN A 24 14.17 -58.18 2.79
C ASN A 24 12.88 -58.54 2.08
N VAL A 25 11.94 -57.59 2.02
CA VAL A 25 10.63 -57.87 1.44
C VAL A 25 10.74 -57.94 -0.08
N LYS A 26 9.73 -58.56 -0.70
CA LYS A 26 9.68 -58.68 -2.15
C LYS A 26 8.24 -58.60 -2.60
N ILE A 27 7.98 -57.75 -3.60
CA ILE A 27 6.66 -57.57 -4.19
C ILE A 27 6.74 -57.92 -5.67
N ASP A 28 5.86 -58.81 -6.11
CA ASP A 28 5.84 -59.23 -7.50
C ASP A 28 5.04 -58.23 -8.34
N LYS A 29 4.77 -58.60 -9.60
CA LYS A 29 4.04 -57.75 -10.53
C LYS A 29 2.56 -58.07 -10.44
N GLY A 30 1.77 -57.08 -10.03
CA GLY A 30 0.35 -57.28 -9.80
C GLY A 30 0.09 -58.19 -8.62
N GLU A 31 0.88 -58.01 -7.56
CA GLU A 31 0.77 -58.86 -6.37
C GLU A 31 0.14 -58.07 -5.23
N PHE A 32 -1.03 -58.52 -4.80
CA PHE A 32 -1.76 -57.94 -3.69
C PHE A 32 -1.02 -58.30 -2.40
N VAL A 33 -0.96 -57.37 -1.46
CA VAL A 33 -0.15 -57.52 -0.25
C VAL A 33 -0.64 -56.55 0.83
N PHE A 34 -0.61 -56.99 2.08
CA PHE A 34 -0.86 -56.15 3.24
C PHE A 34 0.43 -55.61 3.84
N LEU A 35 0.27 -54.84 4.92
CA LEU A 35 1.37 -54.42 5.78
C LEU A 35 0.75 -54.18 7.15
N ILE A 36 0.90 -55.15 8.04
CA ILE A 36 0.24 -55.15 9.34
C ILE A 36 1.28 -54.96 10.44
N GLY A 37 0.91 -54.27 11.51
CA GLY A 37 1.78 -54.07 12.64
C GLY A 37 1.10 -53.33 13.77
N PRO A 38 1.87 -52.98 14.82
CA PRO A 38 1.32 -52.18 15.92
C PRO A 38 1.07 -50.71 15.56
N SER A 39 0.67 -49.92 16.55
CA SER A 39 0.30 -48.53 16.31
C SER A 39 1.51 -47.67 15.96
N GLY A 40 2.64 -47.90 16.63
CA GLY A 40 3.83 -47.13 16.38
C GLY A 40 4.78 -47.79 15.39
N SER A 41 4.21 -48.39 14.34
CA SER A 41 5.04 -49.11 13.38
C SER A 41 5.78 -48.16 12.45
N GLY A 42 5.16 -47.03 12.13
CA GLY A 42 5.71 -46.16 11.11
C GLY A 42 5.21 -46.54 9.73
N LYS A 43 3.89 -46.76 9.61
CA LYS A 43 3.29 -46.95 8.29
C LYS A 43 3.46 -45.70 7.43
N SER A 44 3.25 -44.52 8.01
CA SER A 44 3.37 -43.27 7.27
C SER A 44 4.81 -43.00 6.85
N THR A 45 5.76 -43.37 7.71
CA THR A 45 7.17 -43.25 7.33
C THR A 45 7.53 -44.21 6.22
N PHE A 46 6.93 -45.40 6.22
CA PHE A 46 7.14 -46.35 5.13
C PHE A 46 6.53 -45.84 3.82
N MET A 47 5.37 -45.18 3.91
CA MET A 47 4.76 -44.58 2.72
C MET A 47 5.61 -43.45 2.19
N ARG A 48 6.17 -42.65 3.09
CA ARG A 48 7.03 -41.53 2.71
C ARG A 48 8.34 -42.04 2.09
N LEU A 49 8.83 -43.18 2.57
CA LEU A 49 9.97 -43.82 1.94
C LEU A 49 9.62 -44.35 0.56
N LEU A 50 8.40 -44.86 0.38
CA LEU A 50 7.99 -45.34 -0.93
C LEU A 50 7.78 -44.20 -1.92
N LEU A 51 7.25 -43.07 -1.45
CA LEU A 51 7.14 -41.88 -2.30
C LEU A 51 8.46 -41.12 -2.43
N ALA A 52 9.48 -41.51 -1.66
CA ALA A 52 10.80 -40.85 -1.60
C ALA A 52 10.69 -39.38 -1.24
N ALA A 53 9.72 -39.05 -0.37
CA ALA A 53 9.64 -37.70 0.18
C ALA A 53 10.58 -37.51 1.36
N GLU A 54 11.12 -38.60 1.91
CA GLU A 54 12.22 -38.56 2.86
C GLU A 54 13.22 -39.63 2.47
N THR A 55 14.50 -39.27 2.48
CA THR A 55 15.55 -40.19 2.08
C THR A 55 15.76 -41.26 3.16
N PRO A 56 16.01 -42.51 2.79
CA PRO A 56 16.30 -43.54 3.81
C PRO A 56 17.64 -43.28 4.48
N THR A 57 17.71 -43.65 5.77
CA THR A 57 18.97 -43.51 6.50
C THR A 57 19.97 -44.57 6.07
N SER A 58 19.49 -45.73 5.61
CA SER A 58 20.36 -46.78 5.12
C SER A 58 19.64 -47.56 4.03
N GLY A 59 20.42 -48.24 3.20
CA GLY A 59 19.87 -49.06 2.16
C GLY A 59 19.32 -48.26 0.99
N ASP A 60 18.57 -48.96 0.14
CA ASP A 60 17.99 -48.35 -1.04
C ASP A 60 16.55 -48.82 -1.20
N VAL A 61 15.77 -48.02 -1.93
CA VAL A 61 14.38 -48.32 -2.23
C VAL A 61 14.21 -48.35 -3.76
N ARG A 62 13.52 -49.38 -4.24
CA ARG A 62 13.36 -49.63 -5.68
C ARG A 62 11.91 -49.98 -5.98
N VAL A 63 11.34 -49.34 -6.98
CA VAL A 63 10.00 -49.64 -7.45
C VAL A 63 10.05 -50.09 -8.92
N SER A 64 11.17 -50.72 -9.29
CA SER A 64 11.43 -51.30 -10.61
C SER A 64 11.38 -50.29 -11.74
N LYS A 65 11.74 -49.04 -11.47
CA LYS A 65 12.04 -48.09 -12.54
C LYS A 65 13.42 -47.49 -12.30
N PHE A 66 13.75 -47.26 -11.03
CA PHE A 66 15.04 -46.74 -10.62
C PHE A 66 15.22 -47.04 -9.14
N HIS A 67 16.45 -46.95 -8.67
CA HIS A 67 16.74 -47.03 -7.24
C HIS A 67 16.46 -45.66 -6.63
N VAL A 68 15.35 -45.56 -5.91
CA VAL A 68 14.79 -44.26 -5.54
C VAL A 68 15.43 -43.67 -4.29
N ASN A 69 16.52 -44.26 -3.79
CA ASN A 69 17.23 -43.67 -2.66
C ASN A 69 17.95 -42.39 -3.06
N LYS A 70 18.52 -42.36 -4.27
CA LYS A 70 19.41 -41.28 -4.69
C LYS A 70 18.95 -40.66 -6.00
N LEU A 71 17.65 -40.51 -6.20
CA LEU A 71 17.18 -39.84 -7.40
C LEU A 71 17.25 -38.33 -7.25
N ARG A 72 17.47 -37.66 -8.39
CA ARG A 72 17.38 -36.21 -8.47
C ARG A 72 15.94 -35.76 -8.21
N GLY A 73 15.81 -34.56 -7.66
CA GLY A 73 14.49 -33.98 -7.43
C GLY A 73 13.73 -33.66 -8.70
N ARG A 74 14.42 -33.60 -9.84
CA ARG A 74 13.77 -33.49 -11.14
C ARG A 74 12.92 -34.72 -11.44
N HIS A 75 13.43 -35.91 -11.11
CA HIS A 75 12.76 -37.16 -11.45
C HIS A 75 11.72 -37.59 -10.42
N VAL A 76 11.58 -36.84 -9.32
CA VAL A 76 10.61 -37.21 -8.28
C VAL A 76 9.16 -37.13 -8.74
N PRO A 77 8.70 -36.08 -9.46
CA PRO A 77 7.33 -36.16 -10.00
C PRO A 77 7.12 -37.26 -11.03
N LYS A 78 8.14 -37.63 -11.80
CA LYS A 78 8.02 -38.76 -12.72
C LYS A 78 7.86 -40.07 -11.97
N LEU A 79 8.48 -40.20 -10.80
CA LEU A 79 8.17 -41.29 -9.88
C LEU A 79 6.74 -41.21 -9.41
N ARG A 80 6.27 -40.00 -9.08
CA ARG A 80 4.93 -39.81 -8.55
C ARG A 80 3.83 -39.97 -9.59
N GLN A 81 4.16 -40.06 -10.89
CA GLN A 81 3.15 -40.32 -11.91
C GLN A 81 2.51 -41.69 -11.74
N VAL A 82 3.31 -42.71 -11.45
CA VAL A 82 2.83 -44.08 -11.42
C VAL A 82 2.40 -44.51 -10.03
N ILE A 83 2.38 -43.59 -9.06
CA ILE A 83 2.08 -43.90 -7.67
C ILE A 83 0.87 -43.09 -7.23
N GLY A 84 -0.14 -43.78 -6.69
CA GLY A 84 -1.27 -43.11 -6.08
C GLY A 84 -1.39 -43.50 -4.63
N CYS A 85 -2.13 -42.67 -3.88
CA CYS A 85 -2.24 -42.90 -2.44
C CYS A 85 -3.59 -42.40 -1.94
N VAL A 86 -4.01 -42.96 -0.81
CA VAL A 86 -5.24 -42.60 -0.11
C VAL A 86 -4.95 -42.46 1.38
N PHE A 87 -5.84 -41.78 2.09
CA PHE A 87 -5.62 -41.47 3.50
C PHE A 87 -6.95 -41.57 4.26
N GLN A 88 -6.91 -41.11 5.51
CA GLN A 88 -8.12 -41.00 6.33
C GLN A 88 -9.01 -39.86 5.86
N ASP A 89 -8.44 -38.69 5.62
CA ASP A 89 -9.20 -37.45 5.47
C ASP A 89 -9.77 -37.26 4.07
N PHE A 90 -9.52 -38.21 3.16
CA PHE A 90 -10.04 -38.37 1.80
C PHE A 90 -9.48 -37.37 0.81
N ARG A 91 -8.76 -36.33 1.27
CA ARG A 91 -8.06 -35.33 0.45
C ARG A 91 -8.97 -34.67 -0.60
N LEU A 92 -10.19 -34.35 -0.19
CA LEU A 92 -11.21 -33.89 -1.13
C LEU A 92 -11.44 -32.40 -0.99
N LEU A 93 -11.39 -31.69 -2.12
CA LEU A 93 -11.79 -30.30 -2.17
C LEU A 93 -13.31 -30.20 -2.05
N GLN A 94 -13.76 -29.45 -1.05
CA GLN A 94 -15.18 -29.43 -0.70
C GLN A 94 -16.03 -28.57 -1.61
N GLN A 95 -15.43 -27.81 -2.53
CA GLN A 95 -16.18 -26.88 -3.37
C GLN A 95 -16.32 -27.33 -4.81
N LYS A 96 -15.35 -28.03 -5.37
CA LYS A 96 -15.45 -28.47 -6.75
C LYS A 96 -16.37 -29.68 -6.86
N THR A 97 -16.79 -29.98 -8.07
CA THR A 97 -17.72 -31.07 -8.33
C THR A 97 -17.02 -32.42 -8.18
N VAL A 98 -17.84 -33.47 -8.11
CA VAL A 98 -17.30 -34.83 -8.00
C VAL A 98 -16.59 -35.22 -9.29
N TYR A 99 -17.13 -34.81 -10.44
CA TYR A 99 -16.42 -35.00 -11.70
C TYR A 99 -15.26 -34.04 -11.84
N ASP A 100 -15.26 -32.93 -11.11
CA ASP A 100 -14.16 -31.97 -11.17
C ASP A 100 -12.95 -32.46 -10.37
N ASN A 101 -13.19 -33.13 -9.25
CA ASN A 101 -12.08 -33.59 -8.41
C ASN A 101 -11.29 -34.71 -9.07
N VAL A 102 -12.00 -35.65 -9.71
CA VAL A 102 -11.32 -36.74 -10.41
C VAL A 102 -10.60 -36.21 -11.65
N ALA A 103 -11.18 -35.21 -12.32
CA ALA A 103 -10.52 -34.62 -13.48
C ALA A 103 -9.33 -33.74 -13.08
N PHE A 104 -9.30 -33.26 -11.84
CA PHE A 104 -8.20 -32.42 -11.36
C PHE A 104 -6.87 -33.17 -11.35
N ALA A 105 -6.92 -34.49 -11.14
CA ALA A 105 -5.70 -35.29 -11.06
C ALA A 105 -5.05 -35.53 -12.42
N LEU A 106 -5.74 -35.24 -13.52
CA LEU A 106 -5.14 -35.45 -14.84
C LEU A 106 -4.89 -34.14 -15.58
N GLU A 107 -5.70 -33.10 -15.34
CA GLU A 107 -5.43 -31.82 -15.98
C GLU A 107 -4.28 -31.07 -15.34
N VAL A 108 -3.83 -31.49 -14.15
CA VAL A 108 -2.60 -30.96 -13.59
C VAL A 108 -1.40 -31.43 -14.42
N ILE A 109 -1.52 -32.58 -15.07
CA ILE A 109 -0.50 -33.00 -16.03
C ILE A 109 -0.61 -32.16 -17.30
N GLY A 110 -1.82 -32.02 -17.83
CA GLY A 110 -2.08 -31.15 -18.96
C GLY A 110 -2.02 -31.85 -20.30
N LYS A 111 -3.17 -32.01 -20.95
CA LYS A 111 -3.24 -32.49 -22.32
C LYS A 111 -4.49 -31.87 -22.96
N ARG A 112 -4.88 -32.41 -24.11
CA ARG A 112 -6.06 -31.91 -24.83
C ARG A 112 -7.33 -32.20 -24.03
N THR A 113 -8.30 -31.29 -24.14
CA THR A 113 -9.47 -31.28 -23.26
C THR A 113 -10.36 -32.51 -23.48
N ASP A 114 -10.35 -33.06 -24.70
CA ASP A 114 -11.08 -34.28 -24.97
C ASP A 114 -10.48 -35.47 -24.22
N ALA A 115 -9.16 -35.48 -24.03
CA ALA A 115 -8.50 -36.62 -23.41
C ALA A 115 -8.71 -36.71 -21.91
N ILE A 116 -9.00 -35.60 -21.22
CA ILE A 116 -9.43 -35.69 -19.83
C ILE A 116 -10.76 -36.43 -19.74
N ASN A 117 -11.74 -36.01 -20.53
CA ASN A 117 -13.09 -36.53 -20.42
C ASN A 117 -13.30 -37.80 -21.24
N ARG A 118 -12.26 -38.29 -21.91
CA ARG A 118 -12.31 -39.59 -22.56
C ARG A 118 -12.14 -40.75 -21.59
N VAL A 119 -11.74 -40.49 -20.35
CA VAL A 119 -11.47 -41.54 -19.38
C VAL A 119 -12.28 -41.39 -18.11
N VAL A 120 -12.77 -40.18 -17.77
CA VAL A 120 -13.52 -39.99 -16.53
C VAL A 120 -14.85 -40.74 -16.50
N PRO A 121 -15.70 -40.72 -17.56
CA PRO A 121 -16.83 -41.67 -17.54
C PRO A 121 -16.39 -43.12 -17.67
N GLU A 122 -15.24 -43.38 -18.28
CA GLU A 122 -14.74 -44.75 -18.40
C GLU A 122 -14.21 -45.29 -17.09
N VAL A 123 -13.86 -44.42 -16.14
CA VAL A 123 -13.34 -44.86 -14.85
C VAL A 123 -14.37 -44.66 -13.73
N LEU A 124 -15.36 -43.80 -13.92
CA LEU A 124 -16.36 -43.58 -12.87
C LEU A 124 -17.31 -44.77 -12.75
N GLU A 125 -17.46 -45.53 -13.83
CA GLU A 125 -18.20 -46.79 -13.78
C GLU A 125 -17.39 -47.92 -13.16
N THR A 126 -16.06 -47.79 -13.11
CA THR A 126 -15.24 -48.86 -12.55
C THR A 126 -15.34 -48.90 -11.04
N VAL A 127 -15.41 -47.74 -10.39
CA VAL A 127 -15.51 -47.70 -8.93
C VAL A 127 -16.89 -48.13 -8.45
N GLY A 128 -17.90 -48.11 -9.32
CA GLY A 128 -19.25 -48.45 -8.95
C GLY A 128 -20.15 -47.27 -8.69
N LEU A 129 -19.58 -46.07 -8.52
CA LEU A 129 -20.37 -44.85 -8.37
C LEU A 129 -20.80 -44.41 -9.76
N SER A 130 -21.90 -44.99 -10.25
CA SER A 130 -22.42 -44.69 -11.58
C SER A 130 -23.47 -43.60 -11.41
N GLY A 131 -23.00 -42.37 -11.27
CA GLY A 131 -23.89 -41.25 -11.04
C GLY A 131 -23.33 -40.27 -10.03
N LYS A 132 -24.12 -39.24 -9.71
CA LYS A 132 -23.74 -38.14 -8.80
C LYS A 132 -22.45 -37.45 -9.24
N ALA A 133 -22.27 -37.32 -10.56
CA ALA A 133 -21.10 -36.65 -11.12
C ALA A 133 -21.22 -35.14 -11.09
N ASN A 134 -22.43 -34.61 -10.86
CA ASN A 134 -22.64 -33.17 -10.73
C ASN A 134 -22.99 -32.82 -9.30
N ARG A 135 -22.54 -33.62 -8.34
CA ARG A 135 -22.86 -33.45 -6.94
C ARG A 135 -21.61 -33.01 -6.17
N LEU A 136 -21.79 -32.05 -5.26
CA LEU A 136 -20.72 -31.64 -4.38
C LEU A 136 -20.40 -32.76 -3.39
N PRO A 137 -19.14 -32.92 -3.00
CA PRO A 137 -18.79 -33.99 -2.03
C PRO A 137 -19.36 -33.76 -0.64
N ASP A 138 -19.65 -32.51 -0.26
CA ASP A 138 -20.33 -32.26 1.00
C ASP A 138 -21.76 -32.75 0.96
N GLU A 139 -22.42 -32.62 -0.19
CA GLU A 139 -23.75 -33.19 -0.36
C GLU A 139 -23.72 -34.71 -0.43
N LEU A 140 -22.60 -35.28 -0.86
CA LEU A 140 -22.45 -36.73 -0.87
C LEU A 140 -22.27 -37.25 0.56
N SER A 141 -22.68 -38.50 0.75
CA SER A 141 -22.53 -39.12 2.06
C SER A 141 -21.10 -39.63 2.25
N GLY A 142 -20.78 -40.03 3.47
CA GLY A 142 -19.44 -40.41 3.85
C GLY A 142 -18.93 -41.71 3.27
N GLY A 143 -19.81 -42.61 2.83
CA GLY A 143 -19.38 -43.90 2.33
C GLY A 143 -18.72 -43.86 0.97
N GLU A 144 -19.01 -42.83 0.16
CA GLU A 144 -18.45 -42.74 -1.18
C GLU A 144 -17.38 -41.66 -1.31
N GLN A 145 -17.08 -40.94 -0.22
CA GLN A 145 -15.93 -40.03 -0.22
C GLN A 145 -14.63 -40.80 -0.42
N GLN A 146 -14.48 -41.93 0.27
CA GLN A 146 -13.30 -42.76 0.06
C GLN A 146 -13.33 -43.45 -1.29
N ARG A 147 -14.53 -43.73 -1.82
CA ARG A 147 -14.65 -44.31 -3.16
C ARG A 147 -14.17 -43.34 -4.24
N VAL A 148 -14.54 -42.07 -4.12
CA VAL A 148 -14.06 -41.11 -5.10
C VAL A 148 -12.61 -40.73 -4.82
N ALA A 149 -12.13 -40.95 -3.58
CA ALA A 149 -10.71 -40.77 -3.30
C ALA A 149 -9.86 -41.85 -3.96
N ILE A 150 -10.31 -43.11 -3.90
CA ILE A 150 -9.64 -44.19 -4.62
C ILE A 150 -9.76 -43.99 -6.12
N ALA A 151 -10.93 -43.56 -6.58
CA ALA A 151 -11.15 -43.28 -8.01
C ALA A 151 -10.65 -41.88 -8.37
N ARG A 152 -9.40 -41.62 -8.07
CA ARG A 152 -8.69 -40.42 -8.45
C ARG A 152 -7.34 -40.71 -9.09
N ALA A 153 -6.60 -41.69 -8.57
CA ALA A 153 -5.32 -42.11 -9.10
C ALA A 153 -5.48 -43.07 -10.28
N PHE A 154 -6.70 -43.33 -10.70
CA PHE A 154 -6.98 -44.24 -11.81
C PHE A 154 -7.32 -43.49 -13.09
N VAL A 155 -7.06 -42.18 -13.13
CA VAL A 155 -7.20 -41.43 -14.38
C VAL A 155 -6.07 -41.78 -15.34
N ASN A 156 -4.97 -42.35 -14.82
CA ASN A 156 -3.89 -42.89 -15.61
C ASN A 156 -3.75 -44.36 -15.23
N ARG A 157 -2.65 -45.01 -15.62
CA ARG A 157 -2.39 -46.39 -15.26
C ARG A 157 -1.28 -46.44 -14.22
N PRO A 158 -1.58 -46.45 -12.92
CA PRO A 158 -0.52 -46.58 -11.92
C PRO A 158 0.01 -48.00 -11.87
N LEU A 159 1.32 -48.12 -12.08
CA LEU A 159 1.98 -49.42 -12.06
C LEU A 159 1.97 -50.04 -10.67
N VAL A 160 2.21 -49.22 -9.64
CA VAL A 160 2.09 -49.64 -8.25
C VAL A 160 1.19 -48.65 -7.53
N LEU A 161 0.10 -49.15 -6.96
CA LEU A 161 -0.73 -48.36 -6.05
C LEU A 161 -0.27 -48.65 -4.64
N LEU A 162 -0.45 -47.69 -3.74
CA LEU A 162 -0.22 -47.89 -2.32
C LEU A 162 -1.31 -47.20 -1.52
N ALA A 163 -1.76 -47.88 -0.46
CA ALA A 163 -2.85 -47.38 0.34
C ALA A 163 -2.40 -47.26 1.79
N ASP A 164 -2.88 -46.22 2.46
CA ASP A 164 -2.58 -45.96 3.86
C ASP A 164 -3.92 -45.88 4.58
N GLU A 165 -4.46 -47.04 4.95
CA GLU A 165 -5.68 -47.24 5.73
C GLU A 165 -6.92 -46.54 5.15
N PRO A 166 -7.51 -47.04 4.06
CA PRO A 166 -8.84 -46.54 3.68
C PRO A 166 -9.94 -46.91 4.67
N THR A 167 -9.76 -48.02 5.39
CA THR A 167 -10.77 -48.55 6.29
C THR A 167 -10.53 -47.85 7.64
N GLY A 168 -11.32 -48.14 8.66
CA GLY A 168 -11.23 -47.42 9.93
C GLY A 168 -12.21 -46.29 10.01
N ASN A 169 -12.24 -45.45 8.98
CA ASN A 169 -13.30 -44.45 8.83
C ASN A 169 -14.52 -45.01 8.12
N LEU A 170 -14.47 -46.27 7.69
CA LEU A 170 -15.58 -46.93 7.04
C LEU A 170 -16.02 -48.13 7.88
N ASP A 171 -17.33 -48.22 8.10
CA ASP A 171 -17.90 -49.27 8.92
C ASP A 171 -17.76 -50.62 8.23
N PRO A 172 -17.68 -51.72 8.99
CA PRO A 172 -17.63 -53.05 8.36
C PRO A 172 -18.85 -53.41 7.54
N GLU A 173 -20.01 -52.81 7.83
CA GLU A 173 -21.16 -52.96 6.96
C GLU A 173 -20.94 -52.26 5.63
N THR A 174 -20.32 -51.07 5.63
CA THR A 174 -20.09 -50.31 4.42
C THR A 174 -18.64 -50.38 3.94
N SER A 175 -17.80 -51.19 4.57
CA SER A 175 -16.53 -51.55 3.96
C SER A 175 -16.62 -52.86 3.17
N ARG A 176 -17.80 -53.50 3.18
CA ARG A 176 -18.00 -54.71 2.40
C ARG A 176 -17.95 -54.46 0.90
N ASP A 177 -18.38 -53.27 0.46
CA ASP A 177 -18.30 -52.89 -0.95
C ASP A 177 -17.03 -52.10 -1.29
N ILE A 178 -16.09 -52.02 -0.35
CA ILE A 178 -14.79 -51.41 -0.65
C ILE A 178 -13.64 -52.37 -0.40
N MET A 179 -13.82 -53.45 0.38
CA MET A 179 -12.78 -54.45 0.50
C MET A 179 -12.67 -55.28 -0.77
N ASP A 180 -13.80 -55.55 -1.43
CA ASP A 180 -13.82 -56.30 -2.68
C ASP A 180 -13.47 -55.43 -3.88
N LEU A 181 -13.48 -54.10 -3.72
CA LEU A 181 -12.99 -53.21 -4.77
C LEU A 181 -11.51 -53.43 -5.03
N LEU A 182 -10.73 -53.70 -3.99
CA LEU A 182 -9.29 -53.84 -4.16
C LEU A 182 -8.93 -55.14 -4.85
N GLU A 183 -9.74 -56.20 -4.68
CA GLU A 183 -9.55 -57.40 -5.48
C GLU A 183 -9.88 -57.16 -6.95
N ARG A 184 -10.90 -56.36 -7.25
CA ARG A 184 -11.19 -55.98 -8.63
C ARG A 184 -10.08 -55.14 -9.24
N ILE A 185 -9.44 -54.28 -8.44
CA ILE A 185 -8.29 -53.53 -8.92
C ILE A 185 -7.07 -54.43 -9.12
N ASN A 186 -6.88 -55.40 -8.21
CA ASN A 186 -5.75 -56.32 -8.33
C ASN A 186 -5.88 -57.23 -9.54
N ARG A 187 -7.11 -57.66 -9.87
CA ARG A 187 -7.28 -58.57 -10.99
C ARG A 187 -7.14 -57.87 -12.34
N THR A 188 -7.17 -56.53 -12.37
CA THR A 188 -6.84 -55.81 -13.60
C THR A 188 -5.36 -55.94 -13.95
N GLY A 189 -4.49 -55.92 -12.95
CA GLY A 189 -3.07 -56.08 -13.21
C GLY A 189 -2.14 -55.24 -12.37
N THR A 190 -2.67 -54.22 -11.71
CA THR A 190 -1.85 -53.37 -10.86
C THR A 190 -1.90 -53.84 -9.41
N THR A 191 -0.81 -53.59 -8.69
CA THR A 191 -0.66 -54.03 -7.32
C THR A 191 -0.95 -52.90 -6.34
N VAL A 192 -1.34 -53.27 -5.13
CA VAL A 192 -1.63 -52.32 -4.07
C VAL A 192 -1.05 -52.84 -2.76
N LEU A 193 -0.46 -51.94 -1.98
CA LEU A 193 -0.04 -52.23 -0.60
C LEU A 193 -1.17 -51.77 0.32
N MET A 194 -2.11 -52.68 0.58
CA MET A 194 -3.26 -52.42 1.44
C MET A 194 -2.78 -52.47 2.88
N ALA A 195 -2.25 -51.36 3.36
CA ALA A 195 -1.66 -51.29 4.70
C ALA A 195 -2.76 -51.11 5.74
N THR A 196 -3.40 -52.21 6.08
CA THR A 196 -4.42 -52.19 7.11
C THR A 196 -3.79 -52.18 8.49
N HIS A 197 -4.63 -51.97 9.50
CA HIS A 197 -4.15 -51.85 10.86
C HIS A 197 -4.82 -52.81 11.84
N ASP A 198 -6.11 -53.11 11.65
CA ASP A 198 -6.79 -54.09 12.48
C ASP A 198 -6.54 -55.50 11.96
N HIS A 199 -7.00 -56.50 12.70
CA HIS A 199 -6.78 -57.90 12.35
C HIS A 199 -8.03 -58.64 11.93
N HIS A 200 -9.22 -58.04 12.07
CA HIS A 200 -10.45 -58.67 11.60
C HIS A 200 -10.47 -58.80 10.07
N ILE A 201 -9.97 -57.78 9.38
CA ILE A 201 -9.94 -57.81 7.92
C ILE A 201 -8.76 -58.60 7.37
N VAL A 202 -7.73 -58.87 8.19
CA VAL A 202 -6.57 -59.62 7.73
C VAL A 202 -6.94 -61.06 7.43
N ASP A 203 -7.61 -61.72 8.37
CA ASP A 203 -8.03 -63.11 8.17
C ASP A 203 -9.46 -63.20 7.64
N SER A 204 -9.73 -62.49 6.54
CA SER A 204 -11.03 -62.53 5.89
C SER A 204 -10.96 -62.98 4.44
N MET A 205 -10.09 -62.37 3.63
CA MET A 205 -9.91 -62.76 2.24
C MET A 205 -8.72 -63.67 2.02
N ARG A 206 -7.82 -63.78 3.02
CA ARG A 206 -6.68 -64.70 3.04
C ARG A 206 -5.73 -64.45 1.86
N GLN A 207 -5.13 -63.27 1.85
CA GLN A 207 -4.16 -62.88 0.84
C GLN A 207 -2.78 -62.68 1.48
N ARG A 208 -1.85 -62.15 0.69
CA ARG A 208 -0.47 -62.01 1.13
C ARG A 208 -0.35 -60.96 2.23
N VAL A 209 0.27 -61.35 3.35
CA VAL A 209 0.36 -60.52 4.54
C VAL A 209 1.82 -60.41 4.93
N VAL A 210 2.31 -59.19 5.10
CA VAL A 210 3.65 -58.94 5.62
C VAL A 210 3.51 -58.38 7.03
N GLU A 211 3.94 -59.16 8.01
CA GLU A 211 3.84 -58.74 9.40
C GLU A 211 5.04 -57.86 9.77
N LEU A 212 4.84 -57.05 10.81
CA LEU A 212 5.86 -56.13 11.27
C LEU A 212 5.66 -55.88 12.75
N SER A 213 6.76 -55.67 13.47
CA SER A 213 6.70 -55.38 14.90
C SER A 213 7.87 -54.46 15.24
N LEU A 214 7.59 -53.14 15.25
CA LEU A 214 8.56 -52.08 15.52
C LEU A 214 9.77 -52.16 14.58
N GLY A 215 9.50 -52.49 13.31
CA GLY A 215 10.55 -52.64 12.32
C GLY A 215 11.02 -54.06 12.11
N ARG A 216 10.62 -55.00 12.96
CA ARG A 216 11.00 -56.40 12.83
C ARG A 216 9.82 -57.18 12.26
N LEU A 217 10.08 -57.92 11.18
CA LEU A 217 9.04 -58.73 10.55
C LEU A 217 8.74 -59.93 11.42
N VAL A 218 7.50 -60.00 11.92
CA VAL A 218 7.09 -61.17 12.70
C VAL A 218 6.97 -62.40 11.81
N ARG A 219 6.34 -62.26 10.65
CA ARG A 219 6.24 -63.34 9.69
C ARG A 219 6.05 -62.76 8.29
N ASP A 220 6.45 -63.54 7.29
CA ASP A 220 6.31 -63.12 5.90
C ASP A 220 6.27 -64.38 5.06
N GLU A 221 5.09 -64.70 4.53
CA GLU A 221 4.88 -65.94 3.78
C GLU A 221 4.16 -65.76 2.46
N GLN A 222 3.46 -64.63 2.25
CA GLN A 222 2.85 -64.24 0.98
C GLN A 222 1.79 -65.24 0.49
N ARG A 223 1.13 -65.91 1.44
CA ARG A 223 0.08 -66.87 1.12
C ARG A 223 -0.79 -67.07 2.35
N GLY A 224 -2.00 -67.57 2.11
CA GLY A 224 -2.92 -67.94 3.18
C GLY A 224 -3.41 -66.77 4.00
N VAL A 225 -3.84 -67.09 5.22
CA VAL A 225 -4.36 -66.08 6.14
C VAL A 225 -3.22 -65.28 6.76
N MET B 1 -4.73 -15.06 40.17
CA MET B 1 -5.36 -14.82 38.87
C MET B 1 -4.57 -15.49 37.75
N ARG B 2 -3.41 -16.04 38.11
CA ARG B 2 -2.45 -16.68 37.21
C ARG B 2 -2.06 -15.73 36.06
N PHE B 3 -1.43 -14.63 36.46
CA PHE B 3 -0.98 -13.64 35.48
C PHE B 3 0.22 -14.13 34.69
N GLY B 4 1.06 -14.97 35.31
CA GLY B 4 2.31 -15.37 34.68
C GLY B 4 2.19 -16.41 33.60
N PHE B 5 1.01 -17.04 33.45
CA PHE B 5 0.84 -18.01 32.37
C PHE B 5 0.80 -17.33 31.00
N LEU B 6 0.16 -16.15 30.94
CA LEU B 6 0.09 -15.40 29.69
C LEU B 6 1.45 -14.85 29.27
N LEU B 7 2.37 -14.66 30.21
CA LEU B 7 3.71 -14.20 29.88
C LEU B 7 4.47 -15.23 29.04
N ASN B 8 4.39 -16.51 29.41
CA ASN B 8 4.99 -17.53 28.58
C ASN B 8 4.11 -17.90 27.39
N GLU B 9 2.80 -17.66 27.46
CA GLU B 9 1.93 -17.97 26.33
C GLU B 9 2.19 -17.04 25.14
N VAL B 10 2.45 -15.75 25.40
CA VAL B 10 2.71 -14.83 24.30
C VAL B 10 4.09 -15.10 23.70
N LEU B 11 5.05 -15.55 24.51
CA LEU B 11 6.34 -15.94 23.97
C LEU B 11 6.25 -17.22 23.17
N THR B 12 5.39 -18.16 23.58
CA THR B 12 5.15 -19.36 22.78
C THR B 12 4.48 -19.01 21.45
N GLY B 13 3.55 -18.05 21.47
CA GLY B 13 2.93 -17.59 20.24
C GLY B 13 3.89 -16.85 19.32
N PHE B 14 4.80 -16.06 19.90
CA PHE B 14 5.81 -15.38 19.10
C PHE B 14 6.83 -16.36 18.54
N ARG B 15 7.16 -17.41 19.30
CA ARG B 15 8.10 -18.41 18.82
C ARG B 15 7.48 -19.26 17.71
N ARG B 16 6.20 -19.60 17.84
CA ARG B 16 5.53 -20.38 16.81
C ARG B 16 5.25 -19.53 15.57
N ASN B 17 4.99 -18.24 15.75
CA ASN B 17 4.71 -17.32 14.65
C ASN B 17 5.44 -16.02 14.93
N VAL B 18 6.48 -15.75 14.14
CA VAL B 18 7.23 -14.50 14.26
C VAL B 18 7.24 -13.71 12.95
N THR B 19 7.03 -14.36 11.79
CA THR B 19 7.29 -13.72 10.51
C THR B 19 6.20 -12.74 10.11
N MET B 20 5.02 -12.78 10.74
CA MET B 20 4.02 -11.79 10.39
C MET B 20 3.99 -10.64 11.39
N THR B 21 4.16 -10.96 12.67
CA THR B 21 4.25 -9.90 13.67
C THR B 21 5.52 -9.09 13.54
N ILE B 22 6.59 -9.65 12.97
CA ILE B 22 7.81 -8.85 12.81
C ILE B 22 7.69 -7.93 11.59
N ALA B 23 6.69 -8.16 10.74
CA ALA B 23 6.37 -7.17 9.70
C ALA B 23 5.36 -6.16 10.20
N MET B 24 4.41 -6.63 11.02
CA MET B 24 3.38 -5.76 11.58
C MET B 24 4.01 -4.72 12.51
N ILE B 25 5.05 -5.13 13.26
CA ILE B 25 5.72 -4.24 14.21
C ILE B 25 6.43 -3.09 13.48
N LEU B 26 6.75 -3.28 12.19
CA LEU B 26 7.28 -2.19 11.39
C LEU B 26 6.17 -1.37 10.74
N THR B 27 5.13 -2.02 10.21
CA THR B 27 4.17 -1.23 9.44
C THR B 27 3.24 -0.39 10.32
N THR B 28 2.90 -0.84 11.54
CA THR B 28 2.09 0.02 12.39
C THR B 28 2.92 1.17 12.96
N ALA B 29 4.25 0.98 13.04
CA ALA B 29 5.14 2.05 13.45
C ALA B 29 5.13 3.19 12.44
N ILE B 30 5.17 2.86 11.15
CA ILE B 30 5.06 3.88 10.11
C ILE B 30 3.67 4.49 10.10
N SER B 31 2.64 3.65 10.33
CA SER B 31 1.26 4.11 10.32
C SER B 31 0.96 5.11 11.43
N VAL B 32 1.68 5.02 12.55
CA VAL B 32 1.49 6.04 13.58
C VAL B 32 2.56 7.13 13.51
N GLY B 33 3.72 6.84 12.91
CA GLY B 33 4.77 7.85 12.84
C GLY B 33 4.49 8.93 11.81
N LEU B 34 3.79 8.56 10.73
CA LEU B 34 3.36 9.58 9.77
C LEU B 34 2.35 10.53 10.41
N PHE B 35 1.46 10.00 11.25
CA PHE B 35 0.50 10.83 11.98
C PHE B 35 1.23 11.74 12.96
N GLY B 36 2.24 11.21 13.66
CA GLY B 36 3.01 12.02 14.58
C GLY B 36 3.79 13.13 13.89
N GLY B 37 4.38 12.80 12.73
CA GLY B 37 5.07 13.82 11.94
C GLY B 37 4.15 14.90 11.42
N GLY B 38 2.96 14.52 10.94
CA GLY B 38 2.00 15.52 10.52
C GLY B 38 1.50 16.38 11.66
N MET B 39 1.30 15.78 12.83
CA MET B 39 0.88 16.53 14.01
C MET B 39 1.94 17.53 14.45
N LEU B 40 3.22 17.12 14.42
CA LEU B 40 4.26 18.08 14.81
C LEU B 40 4.49 19.13 13.73
N VAL B 41 4.18 18.82 12.46
CA VAL B 41 4.26 19.84 11.42
C VAL B 41 3.17 20.89 11.61
N VAL B 42 1.95 20.44 11.96
CA VAL B 42 0.87 21.38 12.29
C VAL B 42 1.24 22.20 13.53
N ARG B 43 1.87 21.56 14.51
CA ARG B 43 2.37 22.25 15.70
C ARG B 43 3.39 23.32 15.34
N LEU B 44 4.33 22.99 14.44
CA LEU B 44 5.36 23.92 14.00
C LEU B 44 4.76 25.10 13.26
N ALA B 45 3.78 24.83 12.38
CA ALA B 45 3.11 25.88 11.62
C ALA B 45 2.37 26.85 12.53
N ASP B 46 1.53 26.31 13.42
CA ASP B 46 0.74 27.17 14.30
C ASP B 46 1.61 27.86 15.34
N SER B 47 2.71 27.24 15.76
CA SER B 47 3.61 27.88 16.72
C SER B 47 4.36 29.05 16.08
N SER B 48 4.89 28.85 14.87
CA SER B 48 5.59 29.94 14.18
C SER B 48 4.64 31.08 13.83
N ARG B 49 3.42 30.74 13.36
CA ARG B 49 2.43 31.75 13.04
C ARG B 49 1.99 32.52 14.29
N ALA B 50 1.85 31.82 15.42
CA ALA B 50 1.44 32.50 16.66
C ALA B 50 2.54 33.39 17.21
N ILE B 51 3.80 32.94 17.14
CA ILE B 51 4.87 33.77 17.70
C ILE B 51 5.26 34.89 16.75
N TYR B 52 4.85 34.83 15.48
CA TYR B 52 5.14 35.94 14.57
C TYR B 52 3.92 36.78 14.25
N LEU B 53 2.75 36.42 14.79
CA LEU B 53 1.56 37.24 14.62
C LEU B 53 1.64 38.52 15.46
N ASP B 54 2.40 38.52 16.55
CA ASP B 54 2.42 39.65 17.47
C ASP B 54 3.08 40.89 16.86
N ARG B 55 3.96 40.71 15.87
CA ARG B 55 4.60 41.81 15.19
C ARG B 55 3.97 42.08 13.83
N VAL B 56 2.70 41.73 13.65
CA VAL B 56 1.98 41.98 12.42
C VAL B 56 1.13 43.22 12.61
N GLU B 57 1.34 44.22 11.76
CA GLU B 57 0.58 45.44 11.75
C GLU B 57 -0.24 45.53 10.46
N SER B 58 -0.93 46.65 10.29
CA SER B 58 -1.81 46.85 9.15
C SER B 58 -1.36 48.08 8.35
N GLN B 59 -1.38 47.95 7.04
CA GLN B 59 -0.97 49.01 6.13
C GLN B 59 -2.12 49.36 5.20
N VAL B 60 -2.21 50.65 4.86
CA VAL B 60 -3.23 51.16 3.96
C VAL B 60 -2.57 52.04 2.92
N PHE B 61 -2.95 51.86 1.66
CA PHE B 61 -2.45 52.71 0.59
C PHE B 61 -3.38 53.91 0.40
N LEU B 62 -2.80 55.00 -0.09
CA LEU B 62 -3.52 56.24 -0.31
C LEU B 62 -3.52 56.58 -1.79
N THR B 63 -4.41 57.48 -2.18
CA THR B 63 -4.51 57.91 -3.56
C THR B 63 -3.31 58.79 -3.94
N GLU B 64 -3.16 59.02 -5.24
CA GLU B 64 -1.99 59.72 -5.76
C GLU B 64 -2.01 61.21 -5.41
N ASP B 65 -3.19 61.83 -5.42
CA ASP B 65 -3.28 63.27 -5.17
C ASP B 65 -2.97 63.62 -3.73
N VAL B 66 -3.29 62.72 -2.79
CA VAL B 66 -2.98 62.97 -1.38
C VAL B 66 -1.60 62.44 -0.99
N SER B 67 -0.93 61.71 -1.88
CA SER B 67 0.43 61.23 -1.62
C SER B 67 1.48 62.00 -2.42
N ALA B 68 1.07 62.85 -3.36
CA ALA B 68 2.01 63.69 -4.10
C ALA B 68 2.27 65.02 -3.39
N ASN B 69 1.73 65.21 -2.20
CA ASN B 69 1.93 66.43 -1.42
C ASN B 69 3.32 66.42 -0.78
N ASP B 70 3.57 67.43 0.05
CA ASP B 70 4.82 67.47 0.80
C ASP B 70 4.85 66.41 1.90
N SER B 71 6.05 66.23 2.48
CA SER B 71 6.28 65.11 3.39
C SER B 71 5.52 65.27 4.70
N SER B 72 5.52 66.47 5.27
CA SER B 72 4.76 66.71 6.49
C SER B 72 3.28 66.80 6.16
N CYS B 73 2.44 66.32 7.08
CA CYS B 73 0.99 66.33 6.90
C CYS B 73 0.41 67.60 7.51
N ASP B 74 0.08 68.56 6.65
CA ASP B 74 -0.41 69.86 7.10
C ASP B 74 -1.78 70.22 6.54
N THR B 75 -2.23 69.58 5.46
CA THR B 75 -3.50 69.93 4.85
C THR B 75 -4.68 69.38 5.66
N THR B 76 -5.88 69.79 5.27
CA THR B 76 -7.08 69.37 6.00
C THR B 76 -7.43 67.91 5.71
N ALA B 77 -7.05 67.41 4.52
CA ALA B 77 -7.44 66.06 4.14
C ALA B 77 -6.66 65.00 4.91
N CYS B 78 -5.36 65.21 5.11
CA CYS B 78 -4.54 64.18 5.71
C CYS B 78 -4.75 64.06 7.24
N LYS B 79 -4.96 65.18 7.94
CA LYS B 79 -5.54 65.11 9.28
C LYS B 79 -7.00 64.65 9.30
N ALA B 80 -7.74 64.89 8.22
CA ALA B 80 -9.13 64.43 8.18
C ALA B 80 -9.20 62.92 8.09
N LEU B 81 -8.20 62.30 7.48
CA LEU B 81 -8.05 60.86 7.47
C LEU B 81 -7.25 60.35 8.66
N ARG B 82 -6.88 61.21 9.59
CA ARG B 82 -6.05 60.85 10.73
C ARG B 82 -6.76 60.94 12.07
N GLU B 83 -7.54 62.01 12.31
CA GLU B 83 -8.11 62.22 13.63
C GLU B 83 -9.25 61.27 13.95
N LYS B 84 -10.00 60.81 12.94
CA LYS B 84 -11.15 59.95 13.14
C LYS B 84 -10.83 58.47 12.96
N ILE B 85 -9.56 58.12 12.78
CA ILE B 85 -9.14 56.72 12.80
C ILE B 85 -8.46 56.32 14.10
N GLU B 86 -8.02 57.28 14.91
CA GLU B 86 -7.41 56.96 16.19
C GLU B 86 -8.43 56.53 17.24
N THR B 87 -9.69 56.91 17.07
CA THR B 87 -10.72 56.65 18.08
C THR B 87 -11.44 55.33 17.79
N ARG B 88 -10.64 54.27 17.67
CA ARG B 88 -11.14 52.93 17.41
C ARG B 88 -10.59 51.99 18.49
N SER B 89 -11.13 50.76 18.50
CA SER B 89 -10.75 49.79 19.52
C SER B 89 -9.43 49.10 19.20
N ASP B 90 -9.34 48.47 18.03
CA ASP B 90 -8.12 47.78 17.62
C ASP B 90 -7.00 48.73 17.26
N VAL B 91 -7.31 49.99 16.97
CA VAL B 91 -6.30 51.00 16.68
C VAL B 91 -5.67 51.46 17.99
N LYS B 92 -4.35 51.37 18.09
CA LYS B 92 -3.64 51.83 19.28
C LYS B 92 -2.48 52.74 18.91
N ALA B 93 -1.91 52.56 17.72
CA ALA B 93 -0.73 53.32 17.31
C ALA B 93 -0.69 53.38 15.79
N VAL B 94 -0.88 54.57 15.24
CA VAL B 94 -0.82 54.79 13.80
C VAL B 94 0.38 55.68 13.51
N ARG B 95 1.29 55.17 12.68
CA ARG B 95 2.49 55.91 12.28
C ARG B 95 2.33 56.36 10.85
N PHE B 96 2.52 57.66 10.61
CA PHE B 96 2.52 58.19 9.26
C PHE B 96 3.82 57.83 8.56
N LEU B 97 3.72 57.38 7.32
CA LEU B 97 4.87 57.04 6.50
C LEU B 97 4.87 57.91 5.26
N ASN B 98 6.05 58.39 4.89
CA ASN B 98 6.21 59.34 3.80
C ASN B 98 6.45 58.60 2.50
N ARG B 99 6.71 59.36 1.44
CA ARG B 99 7.08 58.76 0.16
C ARG B 99 8.57 58.52 0.04
N GLN B 100 9.39 59.49 0.46
CA GLN B 100 10.83 59.41 0.27
C GLN B 100 11.49 58.40 1.21
N GLN B 101 10.82 58.01 2.30
CA GLN B 101 11.41 57.02 3.20
C GLN B 101 11.39 55.63 2.59
N ALA B 102 10.40 55.35 1.73
CA ALA B 102 10.27 54.03 1.13
C ALA B 102 11.35 53.77 0.10
N TYR B 103 11.99 54.81 -0.43
CA TYR B 103 13.11 54.67 -1.33
C TYR B 103 14.44 54.65 -0.60
N ASP B 104 14.42 54.58 0.73
CA ASP B 104 15.63 54.45 1.54
C ASP B 104 15.80 53.04 2.11
N ASP B 105 14.77 52.54 2.80
CA ASP B 105 14.87 51.22 3.41
C ASP B 105 14.77 50.10 2.38
N ALA B 106 14.10 50.33 1.26
CA ALA B 106 14.01 49.35 0.19
C ALA B 106 15.21 49.40 -0.75
N ILE B 107 16.19 50.24 -0.46
CA ILE B 107 17.47 50.24 -1.17
C ILE B 107 18.61 49.82 -0.25
N ARG B 108 18.62 50.31 0.99
CA ARG B 108 19.67 49.96 1.94
C ARG B 108 19.55 48.51 2.40
N LYS B 109 18.34 48.06 2.68
CA LYS B 109 18.09 46.66 3.04
C LYS B 109 17.75 45.80 1.83
N PHE B 110 17.78 46.36 0.64
CA PHE B 110 17.47 45.65 -0.60
C PHE B 110 18.17 46.34 -1.76
N PRO B 111 19.45 46.02 -2.03
CA PRO B 111 20.23 46.78 -3.03
C PRO B 111 19.88 46.42 -4.47
N GLN B 112 18.61 46.57 -4.83
CA GLN B 112 18.11 46.31 -6.16
C GLN B 112 17.09 47.38 -6.53
N PHE B 113 16.78 47.44 -7.84
CA PHE B 113 15.75 48.32 -8.41
C PHE B 113 16.04 49.80 -8.15
N LYS B 114 17.33 50.14 -8.08
CA LYS B 114 17.74 51.48 -7.68
C LYS B 114 17.64 52.51 -8.80
N ASP B 115 17.43 52.08 -10.05
CA ASP B 115 17.34 52.98 -11.17
C ASP B 115 16.04 52.84 -11.95
N VAL B 116 15.20 51.86 -11.63
CA VAL B 116 13.98 51.59 -12.36
C VAL B 116 12.72 51.83 -11.53
N ALA B 117 12.84 51.93 -10.22
CA ALA B 117 11.68 52.22 -9.37
C ALA B 117 11.32 53.69 -9.51
N GLY B 118 10.12 53.96 -10.01
CA GLY B 118 9.69 55.33 -10.20
C GLY B 118 9.41 56.03 -8.89
N LYS B 119 9.62 57.35 -8.90
CA LYS B 119 9.46 58.15 -7.70
C LYS B 119 7.99 58.25 -7.29
N ASP B 120 7.09 58.34 -8.26
CA ASP B 120 5.65 58.40 -7.98
C ASP B 120 5.04 56.99 -8.06
N SER B 121 5.61 56.09 -7.27
CA SER B 121 5.13 54.72 -7.22
C SER B 121 4.84 54.21 -5.80
N PHE B 122 5.46 54.78 -4.78
CA PHE B 122 5.21 54.39 -3.40
C PHE B 122 4.43 55.49 -2.71
N PRO B 123 3.12 55.34 -2.52
CA PRO B 123 2.33 56.39 -1.86
C PRO B 123 2.59 56.42 -0.36
N ALA B 124 2.12 57.49 0.27
CA ALA B 124 2.12 57.59 1.71
C ALA B 124 1.19 56.54 2.32
N SER B 125 1.60 56.00 3.45
CA SER B 125 0.87 54.92 4.09
C SER B 125 0.75 55.18 5.59
N PHE B 126 -0.28 54.59 6.19
CA PHE B 126 -0.49 54.65 7.63
C PHE B 126 -0.34 53.24 8.18
N ILE B 127 0.76 53.00 8.89
CA ILE B 127 0.98 51.71 9.54
C ILE B 127 0.18 51.69 10.83
N VAL B 128 -0.72 50.71 10.96
CA VAL B 128 -1.64 50.62 12.07
C VAL B 128 -1.40 49.32 12.82
N LYS B 129 -1.17 49.42 14.12
CA LYS B 129 -0.92 48.26 14.97
C LYS B 129 -2.23 47.77 15.56
N LEU B 130 -2.45 46.46 15.52
CA LEU B 130 -3.66 45.83 16.05
C LEU B 130 -3.28 44.77 17.07
N GLU B 131 -4.07 44.67 18.14
CA GLU B 131 -3.81 43.67 19.17
C GLU B 131 -4.31 42.29 18.76
N ASN B 132 -5.19 42.21 17.77
CA ASN B 132 -5.73 40.94 17.28
C ASN B 132 -5.53 40.85 15.77
N PRO B 133 -4.32 40.56 15.31
CA PRO B 133 -4.07 40.49 13.87
C PRO B 133 -4.71 39.29 13.19
N GLU B 134 -4.99 38.21 13.95
CA GLU B 134 -5.78 37.12 13.39
C GLU B 134 -7.23 37.55 13.20
N GLN B 135 -7.73 38.41 14.09
CA GLN B 135 -9.08 38.96 13.98
C GLN B 135 -9.02 40.30 13.25
N HIS B 136 -8.48 40.26 12.04
CA HIS B 136 -8.38 41.43 11.17
C HIS B 136 -9.50 41.49 10.15
N LYS B 137 -10.47 40.58 10.23
CA LYS B 137 -11.60 40.58 9.31
C LYS B 137 -12.57 41.74 9.55
N ASP B 138 -12.48 42.40 10.70
CA ASP B 138 -13.23 43.62 10.95
C ASP B 138 -12.52 44.87 10.44
N PHE B 139 -11.19 44.90 10.53
CA PHE B 139 -10.45 46.13 10.23
C PHE B 139 -10.44 46.44 8.74
N ASP B 140 -10.28 45.42 7.89
CA ASP B 140 -10.29 45.65 6.45
C ASP B 140 -11.69 46.00 5.93
N THR B 141 -12.73 45.53 6.61
CA THR B 141 -14.11 45.82 6.24
C THR B 141 -14.63 47.12 6.83
N ALA B 142 -13.85 47.79 7.68
CA ALA B 142 -14.25 49.05 8.29
C ALA B 142 -13.58 50.24 7.60
N MET B 143 -13.03 50.04 6.40
CA MET B 143 -12.30 51.08 5.69
C MET B 143 -13.15 51.82 4.66
N LYS B 144 -14.44 51.50 4.53
CA LYS B 144 -15.31 52.29 3.67
C LYS B 144 -15.69 53.62 4.30
N GLY B 145 -15.52 53.77 5.61
CA GLY B 145 -15.70 55.05 6.26
C GLY B 145 -14.52 55.99 6.16
N GLN B 146 -13.45 55.56 5.49
CA GLN B 146 -12.26 56.37 5.29
C GLN B 146 -12.04 56.58 3.79
N PRO B 147 -12.32 57.78 3.27
CA PRO B 147 -12.05 58.05 1.85
C PRO B 147 -10.57 58.30 1.59
N GLY B 148 -10.22 58.66 0.36
CA GLY B 148 -8.84 59.00 0.04
C GLY B 148 -7.88 57.85 -0.02
N VAL B 149 -8.37 56.61 0.00
CA VAL B 149 -7.52 55.43 -0.02
C VAL B 149 -7.73 54.71 -1.34
N LEU B 150 -6.74 53.90 -1.73
CA LEU B 150 -6.89 53.06 -2.91
C LEU B 150 -7.36 51.66 -2.54
N ASP B 151 -6.55 50.94 -1.74
CA ASP B 151 -6.87 49.57 -1.39
C ASP B 151 -6.09 49.19 -0.14
N VAL B 152 -6.53 48.10 0.48
CA VAL B 152 -5.78 47.42 1.54
C VAL B 152 -5.58 45.98 1.08
N LEU B 153 -4.33 45.53 1.08
CA LEU B 153 -4.00 44.18 0.65
C LEU B 153 -4.09 43.17 1.80
N ASN B 154 -5.22 43.21 2.50
CA ASN B 154 -5.51 42.39 3.70
C ASN B 154 -4.42 42.55 4.76
N GLN B 155 -4.00 43.80 4.97
CA GLN B 155 -2.96 44.22 5.90
C GLN B 155 -1.64 43.51 5.64
N LYS B 156 -1.27 42.58 6.53
CA LYS B 156 -0.10 41.71 6.35
C LYS B 156 -0.58 40.29 6.58
N GLU B 157 -1.11 39.65 5.53
CA GLU B 157 -1.56 38.28 5.59
C GLU B 157 -0.58 37.33 4.93
N LEU B 158 0.57 37.82 4.47
CA LEU B 158 1.50 37.01 3.67
C LEU B 158 2.43 36.19 4.58
N ILE B 159 1.81 35.43 5.48
CA ILE B 159 2.53 34.56 6.40
C ILE B 159 1.97 33.15 6.24
N ASP B 160 0.65 33.01 6.30
CA ASP B 160 0.04 31.71 6.05
C ASP B 160 0.16 31.30 4.58
N ARG B 161 0.10 32.27 3.68
CA ARG B 161 0.36 31.99 2.27
C ARG B 161 1.83 31.66 2.04
N LEU B 162 2.71 32.26 2.84
CA LEU B 162 4.13 31.91 2.83
C LEU B 162 4.34 30.47 3.31
N PHE B 163 3.60 30.05 4.33
CA PHE B 163 3.73 28.72 4.93
C PHE B 163 2.89 27.67 4.22
N ALA B 164 2.40 27.96 3.00
CA ALA B 164 1.52 27.06 2.29
C ALA B 164 2.21 25.78 1.82
N VAL B 165 3.53 25.80 1.64
CA VAL B 165 4.25 24.61 1.18
C VAL B 165 4.20 23.50 2.21
N LEU B 166 4.19 23.85 3.50
CA LEU B 166 4.06 22.87 4.56
C LEU B 166 2.64 22.77 5.10
N ASP B 167 1.79 23.78 4.87
CA ASP B 167 0.37 23.62 5.12
C ASP B 167 -0.24 22.58 4.19
N GLY B 168 0.21 22.56 2.93
CA GLY B 168 -0.18 21.53 1.99
C GLY B 168 0.60 20.25 2.10
N LEU B 169 1.58 20.19 2.99
CA LEU B 169 2.30 18.95 3.29
C LEU B 169 1.78 18.26 4.53
N SER B 170 1.28 19.02 5.50
CA SER B 170 0.72 18.44 6.72
C SER B 170 -0.53 17.61 6.43
N ASN B 171 -1.45 18.16 5.65
CA ASN B 171 -2.65 17.41 5.30
C ASN B 171 -2.34 16.27 4.32
N ALA B 172 -1.29 16.42 3.51
CA ALA B 172 -0.83 15.32 2.67
C ALA B 172 -0.29 14.17 3.51
N ALA B 173 0.48 14.49 4.56
CA ALA B 173 0.97 13.47 5.47
C ALA B 173 -0.16 12.82 6.25
N PHE B 174 -1.17 13.60 6.64
CA PHE B 174 -2.35 13.04 7.29
C PHE B 174 -3.13 12.13 6.35
N ALA B 175 -3.27 12.52 5.09
CA ALA B 175 -4.03 11.73 4.12
C ALA B 175 -3.31 10.44 3.79
N VAL B 176 -1.97 10.46 3.76
CA VAL B 176 -1.24 9.23 3.49
C VAL B 176 -1.09 8.40 4.78
N ALA B 177 -1.26 9.02 5.95
CA ALA B 177 -1.28 8.26 7.19
C ALA B 177 -2.61 7.55 7.40
N LEU B 178 -3.71 8.13 6.92
CA LEU B 178 -4.98 7.41 6.94
C LEU B 178 -4.97 6.22 5.99
N VAL B 179 -4.18 6.29 4.92
CA VAL B 179 -3.96 5.13 4.05
C VAL B 179 -3.29 4.00 4.82
N GLN B 180 -2.30 4.33 5.65
CA GLN B 180 -1.64 3.29 6.44
C GLN B 180 -2.50 2.82 7.59
N ALA B 181 -3.36 3.69 8.12
CA ALA B 181 -4.32 3.27 9.12
C ALA B 181 -5.31 2.26 8.56
N ILE B 182 -5.85 2.54 7.37
CA ILE B 182 -6.80 1.61 6.75
C ILE B 182 -6.08 0.40 6.15
N GLY B 183 -4.77 0.48 5.97
CA GLY B 183 -4.00 -0.70 5.59
C GLY B 183 -3.48 -1.53 6.74
N ALA B 184 -3.52 -1.00 7.96
CA ALA B 184 -3.11 -1.76 9.13
C ALA B 184 -4.27 -2.27 9.96
N ILE B 185 -5.45 -1.63 9.86
CA ILE B 185 -6.63 -2.08 10.61
C ILE B 185 -7.01 -3.51 10.22
N LEU B 186 -7.05 -3.80 8.92
CA LEU B 186 -7.42 -5.12 8.49
C LEU B 186 -6.30 -6.13 8.72
N LEU B 187 -5.05 -5.64 8.74
CA LEU B 187 -3.92 -6.51 9.07
C LEU B 187 -4.00 -6.98 10.52
N ILE B 188 -4.37 -6.08 11.44
CA ILE B 188 -4.67 -6.49 12.80
C ILE B 188 -5.87 -7.43 12.86
N ALA B 189 -6.88 -7.15 12.01
CA ALA B 189 -8.09 -7.98 12.00
C ALA B 189 -7.82 -9.41 11.57
N ASN B 190 -6.92 -9.62 10.61
CA ASN B 190 -6.63 -10.97 10.14
C ASN B 190 -5.27 -11.50 10.61
N MET B 191 -4.62 -10.83 11.56
CA MET B 191 -3.56 -11.46 12.35
C MET B 191 -4.05 -12.75 12.98
N VAL B 192 -5.22 -12.73 13.61
CA VAL B 192 -5.71 -13.91 14.31
C VAL B 192 -6.18 -14.99 13.35
N GLN B 193 -6.47 -14.66 12.09
CA GLN B 193 -6.89 -15.66 11.12
C GLN B 193 -5.77 -16.62 10.78
N VAL B 194 -4.51 -16.17 10.84
CA VAL B 194 -3.40 -17.08 10.66
C VAL B 194 -2.80 -17.48 12.02
N ALA B 195 -3.05 -16.69 13.07
CA ALA B 195 -2.57 -17.06 14.39
C ALA B 195 -3.31 -18.28 14.93
N ALA B 196 -4.63 -18.33 14.74
CA ALA B 196 -5.42 -19.48 15.15
C ALA B 196 -5.10 -20.71 14.32
N TYR B 197 -4.67 -20.54 13.07
CA TYR B 197 -4.27 -21.69 12.27
C TYR B 197 -2.98 -22.31 12.79
N THR B 198 -2.16 -21.52 13.48
CA THR B 198 -0.94 -22.03 14.09
C THR B 198 -1.16 -22.63 15.47
N ARG B 199 -2.28 -22.36 16.13
CA ARG B 199 -2.54 -22.92 17.45
C ARG B 199 -3.97 -23.42 17.58
N ARG B 200 -4.50 -24.03 16.52
CA ARG B 200 -5.78 -24.73 16.55
C ARG B 200 -5.86 -25.83 17.59
N THR B 201 -4.72 -26.40 18.02
CA THR B 201 -4.73 -27.51 18.96
C THR B 201 -5.27 -27.10 20.32
N GLU B 202 -4.61 -26.16 21.00
CA GLU B 202 -5.02 -25.87 22.36
C GLU B 202 -6.22 -24.94 22.46
N ILE B 203 -6.53 -24.17 21.41
CA ILE B 203 -7.72 -23.33 21.47
C ILE B 203 -8.98 -24.19 21.39
N GLY B 204 -8.92 -25.32 20.68
CA GLY B 204 -10.03 -26.26 20.70
C GLY B 204 -10.19 -26.93 22.05
N ILE B 205 -9.08 -27.30 22.69
CA ILE B 205 -9.10 -27.88 24.04
C ILE B 205 -9.70 -26.89 25.03
N MET B 206 -9.26 -25.64 24.94
CA MET B 206 -9.71 -24.60 25.86
C MET B 206 -11.13 -24.14 25.53
N ARG B 207 -11.62 -24.43 24.32
CA ARG B 207 -13.02 -24.19 24.03
C ARG B 207 -13.91 -25.30 24.60
N LEU B 208 -13.51 -26.57 24.43
CA LEU B 208 -14.34 -27.65 24.96
C LEU B 208 -14.26 -27.79 26.48
N VAL B 209 -13.20 -27.34 27.14
CA VAL B 209 -13.20 -27.46 28.59
C VAL B 209 -14.02 -26.36 29.25
N GLY B 210 -14.32 -25.28 28.54
CA GLY B 210 -15.26 -24.30 29.04
C GLY B 210 -14.66 -23.02 29.58
N ALA B 211 -13.70 -22.46 28.87
CA ALA B 211 -13.17 -21.15 29.24
C ALA B 211 -14.17 -20.05 28.87
N SER B 212 -13.99 -18.88 29.48
CA SER B 212 -14.90 -17.77 29.24
C SER B 212 -14.71 -17.20 27.84
N ARG B 213 -15.81 -16.64 27.30
CA ARG B 213 -15.75 -15.99 26.01
C ARG B 213 -14.88 -14.73 26.06
N TRP B 214 -14.87 -14.07 27.22
CA TRP B 214 -13.91 -13.00 27.41
C TRP B 214 -12.49 -13.53 27.60
N TYR B 215 -12.33 -14.61 28.37
CA TYR B 215 -10.99 -15.10 28.69
C TYR B 215 -10.33 -15.81 27.51
N THR B 216 -11.12 -16.32 26.57
CA THR B 216 -10.54 -16.99 25.40
C THR B 216 -9.92 -16.02 24.41
N GLN B 217 -10.17 -14.72 24.57
CA GLN B 217 -9.69 -13.73 23.63
C GLN B 217 -8.40 -13.05 24.07
N LEU B 218 -8.06 -13.08 25.37
CA LEU B 218 -6.83 -12.46 25.86
C LEU B 218 -5.53 -12.99 25.25
N PRO B 219 -5.30 -14.31 25.05
CA PRO B 219 -4.07 -14.71 24.35
C PRO B 219 -4.01 -14.26 22.90
N PHE B 220 -5.15 -13.97 22.28
CA PHE B 220 -5.16 -13.32 20.97
C PHE B 220 -5.15 -11.80 21.06
N LEU B 221 -5.34 -11.23 22.25
CA LEU B 221 -5.46 -9.79 22.41
C LEU B 221 -4.18 -9.13 22.90
N VAL B 222 -3.54 -9.65 23.95
CA VAL B 222 -2.37 -8.95 24.49
C VAL B 222 -1.16 -9.12 23.59
N GLU B 223 -1.15 -10.15 22.74
CA GLU B 223 -0.11 -10.28 21.72
C GLU B 223 -0.23 -9.21 20.64
N ALA B 224 -1.40 -8.59 20.51
CA ALA B 224 -1.57 -7.39 19.71
C ALA B 224 -1.33 -6.12 20.52
N MET B 225 -1.71 -6.12 21.81
CA MET B 225 -1.58 -4.93 22.64
C MET B 225 -0.12 -4.56 22.89
N LEU B 226 0.68 -5.53 23.33
CA LEU B 226 2.10 -5.27 23.62
C LEU B 226 2.86 -4.97 22.34
N ALA B 227 2.47 -5.62 21.23
CA ALA B 227 3.09 -5.34 19.95
C ALA B 227 2.72 -3.94 19.45
N ALA B 228 1.50 -3.47 19.74
CA ALA B 228 1.13 -2.11 19.34
C ALA B 228 1.87 -1.07 20.17
N THR B 229 2.03 -1.32 21.48
CA THR B 229 2.83 -0.42 22.32
C THR B 229 4.29 -0.39 21.86
N MET B 230 4.84 -1.55 21.51
CA MET B 230 6.21 -1.60 21.00
C MET B 230 6.30 -0.94 19.63
N GLY B 231 5.21 -0.98 18.86
CA GLY B 231 5.19 -0.30 17.57
C GLY B 231 5.25 1.21 17.70
N VAL B 232 4.47 1.77 18.62
CA VAL B 232 4.55 3.22 18.83
C VAL B 232 5.90 3.58 19.48
N GLY B 233 6.42 2.70 20.33
CA GLY B 233 7.70 2.97 20.97
C GLY B 233 8.88 2.89 20.03
N ILE B 234 8.78 2.09 18.97
CA ILE B 234 9.82 2.11 17.95
C ILE B 234 9.55 3.18 16.92
N ALA B 235 8.28 3.61 16.79
CA ALA B 235 7.94 4.69 15.87
C ALA B 235 8.50 6.03 16.35
N VAL B 236 8.41 6.29 17.66
CA VAL B 236 8.96 7.54 18.18
C VAL B 236 10.48 7.55 18.06
N ALA B 237 11.12 6.39 18.24
CA ALA B 237 12.57 6.30 18.05
C ALA B 237 12.96 6.50 16.59
N GLY B 238 12.20 5.90 15.66
CA GLY B 238 12.46 6.07 14.24
C GLY B 238 12.23 7.47 13.74
N LEU B 239 11.23 8.16 14.29
CA LEU B 239 11.05 9.58 13.95
C LEU B 239 12.15 10.42 14.58
N MET B 240 12.59 10.06 15.79
CA MET B 240 13.66 10.78 16.48
C MET B 240 14.97 10.70 15.71
N VAL B 241 15.33 9.51 15.22
CA VAL B 241 16.60 9.33 14.55
C VAL B 241 16.57 9.91 13.14
N VAL B 242 15.39 10.03 12.51
CA VAL B 242 15.34 10.62 11.18
C VAL B 242 15.32 12.13 11.33
N ARG B 243 14.76 12.63 12.45
CA ARG B 243 14.78 14.07 12.71
C ARG B 243 16.20 14.54 12.97
N ALA B 244 16.89 13.91 13.92
CA ALA B 244 18.24 14.32 14.31
C ALA B 244 19.28 14.07 13.23
N LEU B 245 18.96 13.29 12.19
CA LEU B 245 19.89 13.07 11.10
C LEU B 245 19.59 13.93 9.88
N PHE B 246 18.33 14.20 9.56
CA PHE B 246 18.01 14.89 8.32
C PHE B 246 17.37 16.25 8.48
N LEU B 247 16.54 16.47 9.50
CA LEU B 247 15.80 17.71 9.56
C LEU B 247 16.53 18.77 10.38
N GLU B 248 17.24 18.34 11.43
CA GLU B 248 17.96 19.30 12.26
C GLU B 248 19.15 19.90 11.53
N ASN B 249 19.77 19.14 10.61
CA ASN B 249 20.86 19.68 9.81
C ASN B 249 20.32 20.77 8.87
N ALA B 250 19.08 20.62 8.41
CA ALA B 250 18.45 21.64 7.58
C ALA B 250 17.89 22.81 8.39
N LEU B 251 17.93 22.74 9.72
CA LEU B 251 17.39 23.81 10.57
C LEU B 251 18.43 24.36 11.54
N ASN B 252 19.68 23.91 11.46
CA ASN B 252 20.74 24.56 12.23
C ASN B 252 21.00 25.98 11.75
N GLN B 253 20.81 26.25 10.45
CA GLN B 253 20.95 27.60 9.92
C GLN B 253 19.74 28.47 10.22
N PHE B 254 18.65 27.90 10.72
CA PHE B 254 17.52 28.70 11.17
C PHE B 254 17.68 29.16 12.61
N TYR B 255 18.74 28.74 13.29
CA TYR B 255 19.03 29.28 14.62
C TYR B 255 19.37 30.77 14.54
N GLN B 256 20.31 31.13 13.66
CA GLN B 256 20.66 32.54 13.49
C GLN B 256 19.58 33.27 12.70
N ALA B 257 18.88 32.55 11.82
CA ALA B 257 17.79 33.17 11.06
C ALA B 257 16.60 33.47 11.95
N ASN B 258 16.30 32.56 12.90
CA ASN B 258 15.22 32.68 13.88
C ASN B 258 13.86 32.85 13.18
N LEU B 259 13.59 31.95 12.22
CA LEU B 259 12.37 32.02 11.43
C LEU B 259 11.40 30.89 11.71
N ILE B 260 11.82 29.85 12.43
CA ILE B 260 10.98 28.71 12.77
C ILE B 260 11.02 28.55 14.29
N ALA B 261 9.86 28.27 14.91
CA ALA B 261 9.82 28.00 16.34
C ALA B 261 10.49 26.68 16.71
N LYS B 262 10.66 25.78 15.73
CA LYS B 262 11.39 24.52 15.80
C LYS B 262 10.81 23.50 16.79
N VAL B 263 11.41 22.32 16.83
CA VAL B 263 11.01 21.25 17.71
C VAL B 263 12.24 20.80 18.51
N ASP B 264 12.02 19.97 19.53
CA ASP B 264 13.09 19.60 20.44
C ASP B 264 12.75 18.25 21.07
N TYR B 265 13.45 17.91 22.15
CA TYR B 265 13.25 16.68 22.89
C TYR B 265 11.85 16.57 23.50
N ALA B 266 11.19 17.69 23.77
CA ALA B 266 9.93 17.67 24.52
C ALA B 266 8.69 17.71 23.64
N ASP B 267 8.79 18.22 22.41
CA ASP B 267 7.63 18.26 21.54
C ASP B 267 7.24 16.87 21.05
N ILE B 268 8.23 16.00 20.83
CA ILE B 268 7.92 14.61 20.49
C ILE B 268 7.30 13.88 21.68
N LEU B 269 7.73 14.21 22.90
CA LEU B 269 7.18 13.54 24.07
C LEU B 269 5.85 14.12 24.52
N PHE B 270 5.51 15.34 24.07
CA PHE B 270 4.24 15.93 24.44
C PHE B 270 3.08 15.28 23.70
N ILE B 271 3.37 14.62 22.58
CA ILE B 271 2.35 13.93 21.80
C ILE B 271 2.53 12.42 21.84
N THR B 272 3.59 11.91 22.48
CA THR B 272 3.83 10.48 22.54
C THR B 272 2.74 9.70 23.30
N PRO B 273 2.28 10.08 24.52
CA PRO B 273 1.12 9.36 25.07
C PRO B 273 -0.15 9.57 24.27
N TRP B 274 -0.27 10.70 23.57
CA TRP B 274 -1.37 10.89 22.64
C TRP B 274 -1.27 9.93 21.46
N LEU B 275 -0.04 9.55 21.08
CA LEU B 275 0.12 8.53 20.05
C LEU B 275 -0.21 7.14 20.57
N LEU B 276 0.19 6.84 21.82
CA LEU B 276 -0.15 5.53 22.41
C LEU B 276 -1.65 5.36 22.58
N LEU B 277 -2.36 6.39 23.03
CA LEU B 277 -3.78 6.23 23.33
C LEU B 277 -4.61 6.10 22.05
N LEU B 278 -4.06 6.50 20.90
CA LEU B 278 -4.74 6.21 19.64
C LEU B 278 -4.27 4.92 19.01
N GLY B 279 -2.98 4.57 19.12
CA GLY B 279 -2.48 3.35 18.51
C GLY B 279 -3.00 2.09 19.19
N VAL B 280 -3.05 2.09 20.52
CA VAL B 280 -3.54 0.92 21.25
C VAL B 280 -5.04 0.74 21.03
N ALA B 281 -5.78 1.85 20.98
CA ALA B 281 -7.22 1.77 20.70
C ALA B 281 -7.47 1.38 19.24
N MET B 282 -6.57 1.80 18.34
CA MET B 282 -6.66 1.41 16.93
C MET B 282 -6.43 -0.08 16.76
N SER B 283 -5.51 -0.64 17.53
CA SER B 283 -5.34 -2.09 17.54
C SER B 283 -6.54 -2.79 18.17
N GLY B 284 -7.00 -2.31 19.32
CA GLY B 284 -8.03 -2.98 20.09
C GLY B 284 -9.44 -2.86 19.57
N LEU B 285 -9.71 -1.89 18.72
CA LEU B 285 -11.02 -1.84 18.07
C LEU B 285 -11.19 -3.00 17.11
N THR B 286 -10.13 -3.33 16.36
CA THR B 286 -10.20 -4.34 15.32
C THR B 286 -9.52 -5.64 15.68
N ALA B 287 -8.97 -5.76 16.89
CA ALA B 287 -8.53 -7.05 17.40
C ALA B 287 -9.57 -7.71 18.31
N TYR B 288 -10.59 -6.98 18.71
CA TYR B 288 -11.65 -7.49 19.58
C TYR B 288 -12.83 -8.01 18.77
N LEU B 289 -13.27 -7.25 17.76
CA LEU B 289 -14.38 -7.69 16.93
C LEU B 289 -14.00 -8.80 15.97
N THR B 290 -12.71 -8.96 15.65
CA THR B 290 -12.31 -10.03 14.76
C THR B 290 -12.33 -11.40 15.43
N LEU B 291 -12.47 -11.45 16.75
CA LEU B 291 -12.68 -12.70 17.46
C LEU B 291 -14.16 -12.97 17.69
N ARG B 292 -14.91 -11.92 18.04
CA ARG B 292 -16.33 -12.07 18.34
C ARG B 292 -17.21 -12.19 17.10
N LEU B 293 -16.67 -11.91 15.91
CA LEU B 293 -17.44 -12.00 14.68
C LEU B 293 -16.85 -12.94 13.64
N TYR B 294 -15.71 -13.57 13.92
CA TYR B 294 -15.11 -14.48 12.96
C TYR B 294 -14.66 -15.77 13.64
N VAL B 295 -14.58 -15.76 14.96
CA VAL B 295 -14.20 -16.95 15.72
C VAL B 295 -15.31 -17.33 16.68
N MET C 1 1.13 -26.07 -22.40
CA MET C 1 -0.09 -25.91 -23.19
C MET C 1 -0.76 -24.55 -22.90
N ARG C 2 -2.07 -24.47 -23.09
CA ARG C 2 -2.75 -23.17 -23.08
C ARG C 2 -2.80 -22.56 -21.68
N PHE C 3 -2.50 -21.26 -21.61
CA PHE C 3 -2.35 -20.57 -20.34
C PHE C 3 -3.68 -20.15 -19.72
N GLY C 4 -4.80 -20.40 -20.39
CA GLY C 4 -6.10 -20.02 -19.88
C GLY C 4 -6.62 -20.84 -18.72
N PHE C 5 -5.98 -21.98 -18.42
CA PHE C 5 -6.40 -22.79 -17.28
C PHE C 5 -5.78 -22.29 -15.98
N LEU C 6 -4.90 -21.29 -16.05
CA LEU C 6 -4.33 -20.68 -14.86
C LEU C 6 -5.22 -19.56 -14.31
N LEU C 7 -6.21 -19.11 -15.07
CA LEU C 7 -6.95 -17.92 -14.69
C LEU C 7 -8.12 -18.22 -13.77
N ASN C 8 -8.65 -19.44 -13.80
CA ASN C 8 -9.86 -19.78 -13.07
C ASN C 8 -9.58 -20.27 -11.65
N GLU C 9 -8.37 -20.08 -11.14
CA GLU C 9 -8.09 -20.36 -9.74
C GLU C 9 -7.51 -19.17 -8.98
N VAL C 10 -6.87 -18.22 -9.66
CA VAL C 10 -6.44 -17.00 -8.99
C VAL C 10 -7.65 -16.15 -8.61
N LEU C 11 -8.70 -16.18 -9.43
CA LEU C 11 -9.95 -15.52 -9.07
C LEU C 11 -10.62 -16.17 -7.86
N THR C 12 -10.54 -17.50 -7.75
CA THR C 12 -11.07 -18.18 -6.59
C THR C 12 -10.23 -17.90 -5.35
N GLY C 13 -8.92 -17.76 -5.53
CA GLY C 13 -8.06 -17.36 -4.41
C GLY C 13 -8.35 -15.95 -3.93
N PHE C 14 -8.67 -15.04 -4.85
CA PHE C 14 -9.10 -13.72 -4.46
C PHE C 14 -10.49 -13.73 -3.84
N ARG C 15 -11.34 -14.66 -4.28
CA ARG C 15 -12.68 -14.78 -3.70
C ARG C 15 -12.61 -15.29 -2.26
N ARG C 16 -11.73 -16.25 -2.00
CA ARG C 16 -11.60 -16.80 -0.66
C ARG C 16 -10.72 -15.95 0.24
N ASN C 17 -10.02 -14.95 -0.31
CA ASN C 17 -9.14 -14.10 0.49
C ASN C 17 -9.31 -12.66 0.00
N VAL C 18 -10.07 -11.87 0.75
CA VAL C 18 -10.33 -10.49 0.39
C VAL C 18 -9.65 -9.51 1.34
N THR C 19 -8.91 -10.01 2.33
CA THR C 19 -8.31 -9.18 3.36
C THR C 19 -6.79 -9.23 3.36
N MET C 20 -6.19 -10.41 3.19
CA MET C 20 -4.75 -10.49 2.99
C MET C 20 -4.34 -9.86 1.66
N THR C 21 -5.20 -9.97 0.64
CA THR C 21 -4.80 -9.63 -0.71
C THR C 21 -4.81 -8.12 -0.97
N ILE C 22 -5.76 -7.39 -0.38
CA ILE C 22 -5.81 -5.95 -0.61
C ILE C 22 -4.84 -5.23 0.32
N ALA C 23 -4.45 -5.86 1.43
CA ALA C 23 -3.36 -5.34 2.24
C ALA C 23 -2.05 -5.34 1.46
N MET C 24 -1.87 -6.32 0.58
CA MET C 24 -0.79 -6.28 -0.40
C MET C 24 -0.85 -5.06 -1.31
N ILE C 25 -2.05 -4.74 -1.81
CA ILE C 25 -2.21 -3.61 -2.73
C ILE C 25 -1.82 -2.32 -2.03
N LEU C 26 -2.31 -2.13 -0.81
CA LEU C 26 -2.00 -0.92 -0.06
C LEU C 26 -0.54 -0.88 0.39
N THR C 27 0.04 -2.03 0.74
CA THR C 27 1.39 -2.06 1.30
C THR C 27 2.45 -1.90 0.22
N THR C 28 2.22 -2.46 -0.97
CA THR C 28 3.08 -2.09 -2.08
C THR C 28 2.84 -0.67 -2.55
N ALA C 29 1.59 -0.19 -2.45
CA ALA C 29 1.27 1.16 -2.92
C ALA C 29 1.98 2.22 -2.11
N ILE C 30 2.07 2.04 -0.78
CA ILE C 30 2.71 3.05 0.05
C ILE C 30 4.22 3.09 -0.20
N SER C 31 4.86 1.92 -0.31
CA SER C 31 6.31 1.87 -0.51
C SER C 31 6.69 2.38 -1.89
N VAL C 32 5.94 1.98 -2.91
CA VAL C 32 6.19 2.44 -4.27
C VAL C 32 5.90 3.92 -4.41
N GLY C 33 4.86 4.43 -3.72
CA GLY C 33 4.56 5.84 -3.77
C GLY C 33 5.60 6.70 -3.08
N LEU C 34 6.11 6.25 -1.92
CA LEU C 34 7.16 7.00 -1.25
C LEU C 34 8.47 6.94 -2.02
N PHE C 35 8.82 5.79 -2.61
CA PHE C 35 10.05 5.71 -3.39
C PHE C 35 9.95 6.56 -4.66
N GLY C 36 8.79 6.55 -5.31
CA GLY C 36 8.59 7.40 -6.48
C GLY C 36 8.59 8.88 -6.14
N GLY C 37 8.00 9.25 -5.00
CA GLY C 37 8.04 10.63 -4.56
C GLY C 37 9.43 11.10 -4.21
N GLY C 38 10.22 10.24 -3.55
CA GLY C 38 11.60 10.56 -3.27
C GLY C 38 12.45 10.68 -4.52
N MET C 39 12.24 9.79 -5.50
CA MET C 39 12.93 9.88 -6.77
C MET C 39 12.54 11.15 -7.53
N LEU C 40 11.25 11.51 -7.48
CA LEU C 40 10.77 12.73 -8.13
C LEU C 40 11.35 13.98 -7.49
N VAL C 41 11.45 14.03 -6.17
CA VAL C 41 11.99 15.22 -5.52
C VAL C 41 13.52 15.26 -5.51
N VAL C 42 14.20 14.13 -5.75
CA VAL C 42 15.64 14.25 -5.93
C VAL C 42 15.95 14.55 -7.40
N ARG C 43 15.05 14.19 -8.31
CA ARG C 43 15.19 14.64 -9.69
C ARG C 43 14.90 16.13 -9.81
N LEU C 44 13.99 16.64 -8.98
CA LEU C 44 13.78 18.08 -8.89
C LEU C 44 15.01 18.79 -8.30
N ALA C 45 15.81 18.08 -7.50
CA ALA C 45 16.99 18.68 -6.91
C ALA C 45 18.07 18.92 -7.94
N ASP C 46 18.53 17.85 -8.61
CA ASP C 46 19.59 18.02 -9.62
C ASP C 46 19.07 18.63 -10.92
N SER C 47 17.75 18.67 -11.12
CA SER C 47 17.22 19.43 -12.25
C SER C 47 17.25 20.92 -11.97
N SER C 48 17.24 21.32 -10.70
CA SER C 48 17.25 22.73 -10.34
C SER C 48 18.64 23.34 -10.29
N ARG C 49 19.70 22.52 -10.43
CA ARG C 49 21.05 23.06 -10.41
C ARG C 49 21.45 23.71 -11.72
N ALA C 50 20.67 23.51 -12.79
CA ALA C 50 21.00 24.13 -14.06
C ALA C 50 20.74 25.63 -14.04
N ILE C 51 19.74 26.07 -13.25
CA ILE C 51 19.39 27.48 -13.21
C ILE C 51 20.16 28.26 -12.15
N TYR C 52 20.94 27.58 -11.32
CA TYR C 52 21.67 28.22 -10.22
C TYR C 52 23.17 28.04 -10.41
N LEU C 53 23.92 28.48 -9.40
CA LEU C 53 25.37 28.35 -9.37
C LEU C 53 25.77 27.42 -8.24
N ASP C 54 26.82 26.65 -8.46
CA ASP C 54 27.34 25.75 -7.42
C ASP C 54 28.11 26.56 -6.39
N ARG C 55 28.57 25.87 -5.33
CA ARG C 55 29.31 26.51 -4.25
C ARG C 55 30.63 27.09 -4.73
N VAL C 56 31.27 26.43 -5.69
CA VAL C 56 32.54 26.92 -6.25
C VAL C 56 32.18 27.75 -7.47
N GLU C 57 31.78 29.00 -7.21
CA GLU C 57 31.34 29.94 -8.24
C GLU C 57 31.34 31.35 -7.65
N SER C 58 31.37 32.35 -8.53
CA SER C 58 31.15 33.73 -8.15
C SER C 58 30.56 34.48 -9.34
N GLN C 59 29.90 35.61 -9.04
CA GLN C 59 29.24 36.43 -10.04
C GLN C 59 29.67 37.88 -9.88
N VAL C 60 29.87 38.57 -10.99
CA VAL C 60 30.22 39.98 -10.98
C VAL C 60 29.70 40.60 -12.29
N PHE C 61 29.36 41.89 -12.24
CA PHE C 61 28.78 42.58 -13.39
C PHE C 61 29.64 43.78 -13.76
N LEU C 62 29.95 43.89 -15.05
CA LEU C 62 30.81 44.94 -15.56
C LEU C 62 29.96 46.09 -16.12
N THR C 63 30.65 47.17 -16.51
CA THR C 63 29.98 48.35 -17.02
C THR C 63 29.63 48.19 -18.49
N GLU C 64 29.09 49.26 -19.08
CA GLU C 64 28.59 49.22 -20.45
C GLU C 64 29.66 49.48 -21.50
N ASP C 65 30.75 50.16 -21.14
CA ASP C 65 31.80 50.45 -22.11
C ASP C 65 32.69 49.25 -22.40
N VAL C 66 32.58 48.18 -21.61
CA VAL C 66 33.32 46.95 -21.84
C VAL C 66 32.40 45.83 -22.35
N SER C 67 31.18 45.75 -21.80
CA SER C 67 30.27 44.68 -22.19
C SER C 67 29.68 44.92 -23.58
N ALA C 68 29.23 46.14 -23.86
CA ALA C 68 28.57 46.41 -25.14
C ALA C 68 29.59 46.61 -26.25
N ASN C 69 30.41 47.64 -26.14
CA ASN C 69 31.47 47.90 -27.12
C ASN C 69 32.69 47.10 -26.66
N ASP C 70 33.40 46.53 -27.63
CA ASP C 70 34.50 45.58 -27.41
C ASP C 70 34.03 44.41 -26.52
N SER C 71 33.09 43.65 -27.06
CA SER C 71 32.42 42.59 -26.29
C SER C 71 33.37 41.46 -25.94
N SER C 72 34.32 41.17 -26.81
CA SER C 72 35.38 40.24 -26.45
C SER C 72 36.38 40.93 -25.53
N CYS C 73 36.84 40.20 -24.51
CA CYS C 73 37.78 40.76 -23.53
C CYS C 73 39.17 40.84 -24.16
N ASP C 74 39.38 41.92 -24.91
CA ASP C 74 40.64 42.16 -25.58
C ASP C 74 41.27 43.51 -25.26
N THR C 75 40.50 44.48 -24.76
CA THR C 75 41.07 45.77 -24.39
C THR C 75 41.85 45.65 -23.08
N THR C 76 42.76 46.61 -22.88
CA THR C 76 43.59 46.61 -21.68
C THR C 76 42.78 46.93 -20.42
N ALA C 77 41.66 47.62 -20.55
CA ALA C 77 40.78 47.85 -19.41
C ALA C 77 40.15 46.53 -18.95
N CYS C 78 39.80 45.65 -19.88
CA CYS C 78 39.28 44.35 -19.50
C CYS C 78 40.36 43.44 -18.95
N LYS C 79 41.58 43.52 -19.50
CA LYS C 79 42.69 42.73 -18.99
C LYS C 79 43.10 43.14 -17.57
N ALA C 80 43.16 44.45 -17.30
CA ALA C 80 43.60 44.93 -15.99
C ALA C 80 42.60 44.62 -14.88
N LEU C 81 41.35 44.34 -15.22
CA LEU C 81 40.35 43.88 -14.27
C LEU C 81 40.22 42.37 -14.22
N ARG C 82 40.44 41.69 -15.34
CA ARG C 82 40.31 40.24 -15.38
C ARG C 82 41.51 39.57 -14.71
N GLU C 83 42.71 40.09 -14.90
CA GLU C 83 43.90 39.49 -14.31
C GLU C 83 44.21 40.00 -12.92
N LYS C 84 43.45 40.97 -12.41
CA LYS C 84 43.73 41.51 -11.07
C LYS C 84 43.28 40.53 -9.99
N ILE C 85 42.22 39.77 -10.25
CA ILE C 85 41.72 38.81 -9.26
C ILE C 85 42.61 37.58 -9.14
N GLU C 86 43.49 37.33 -10.11
CA GLU C 86 44.46 36.25 -9.99
C GLU C 86 45.75 36.68 -9.32
N THR C 87 45.85 37.93 -8.87
CA THR C 87 47.01 38.36 -8.11
C THR C 87 47.01 37.78 -6.70
N ARG C 88 45.83 37.39 -6.20
CA ARG C 88 45.70 36.76 -4.89
C ARG C 88 45.34 35.29 -5.08
N SER C 89 45.86 34.44 -4.20
CA SER C 89 45.67 32.99 -4.30
C SER C 89 44.35 32.63 -3.62
N ASP C 90 43.25 32.87 -4.34
CA ASP C 90 41.92 32.50 -3.87
C ASP C 90 41.04 31.85 -4.93
N VAL C 91 41.37 31.97 -6.21
CA VAL C 91 40.55 31.46 -7.30
C VAL C 91 41.36 30.46 -8.10
N LYS C 92 40.68 29.80 -9.05
CA LYS C 92 41.31 28.84 -9.94
C LYS C 92 41.23 29.24 -11.40
N ALA C 93 40.05 29.63 -11.90
CA ALA C 93 39.90 29.94 -13.30
C ALA C 93 38.74 30.92 -13.49
N VAL C 94 38.77 31.62 -14.63
CA VAL C 94 37.70 32.50 -15.06
C VAL C 94 37.07 31.92 -16.31
N ARG C 95 35.89 32.45 -16.67
CA ARG C 95 35.14 31.96 -17.81
C ARG C 95 34.81 33.13 -18.73
N PHE C 96 35.06 32.94 -20.02
CA PHE C 96 34.80 33.98 -21.01
C PHE C 96 33.31 34.03 -21.32
N LEU C 97 32.63 35.03 -20.79
CA LEU C 97 31.22 35.26 -21.06
C LEU C 97 31.01 36.71 -21.44
N ASN C 98 30.06 36.95 -22.32
CA ASN C 98 29.83 38.28 -22.87
C ASN C 98 28.36 38.42 -23.25
N ARG C 99 28.02 39.53 -23.88
CA ARG C 99 26.65 39.76 -24.33
C ARG C 99 26.27 38.89 -25.53
N GLN C 100 27.23 38.28 -26.20
CA GLN C 100 26.92 37.29 -27.22
C GLN C 100 26.23 36.07 -26.60
N GLN C 101 26.63 35.71 -25.38
CA GLN C 101 26.00 34.63 -24.63
C GLN C 101 25.31 35.30 -23.44
N ALA C 102 24.12 35.85 -23.69
CA ALA C 102 23.38 36.53 -22.64
C ALA C 102 21.90 36.20 -22.71
N TYR C 103 21.41 35.80 -23.89
CA TYR C 103 20.01 35.52 -24.10
C TYR C 103 19.70 34.06 -24.40
N ASP C 104 20.71 33.28 -24.81
CA ASP C 104 20.49 31.85 -24.94
C ASP C 104 20.31 31.19 -23.58
N ASP C 105 21.00 31.69 -22.55
CA ASP C 105 20.84 31.21 -21.19
C ASP C 105 19.79 31.99 -20.41
N ALA C 106 19.28 33.09 -20.95
CA ALA C 106 18.25 33.86 -20.27
C ALA C 106 16.89 33.15 -20.26
N ILE C 107 16.70 32.16 -21.14
CA ILE C 107 15.46 31.40 -21.17
C ILE C 107 15.34 30.49 -19.95
N ARG C 108 16.43 29.81 -19.60
CA ARG C 108 16.37 28.81 -18.53
C ARG C 108 16.31 29.43 -17.14
N LYS C 109 16.94 30.60 -16.96
CA LYS C 109 16.97 31.21 -15.64
C LYS C 109 15.82 32.17 -15.39
N PHE C 110 15.11 32.61 -16.42
CA PHE C 110 13.87 33.37 -16.25
C PHE C 110 12.83 32.95 -17.29
N PRO C 111 11.86 32.11 -16.89
CA PRO C 111 10.86 31.65 -17.85
C PRO C 111 9.78 32.69 -18.18
N GLN C 112 10.19 33.92 -18.48
CA GLN C 112 9.23 34.95 -18.86
C GLN C 112 9.79 36.00 -19.83
N PHE C 113 11.05 35.88 -20.27
CA PHE C 113 11.63 36.85 -21.17
C PHE C 113 11.90 36.29 -22.57
N LYS C 114 11.27 35.17 -22.91
CA LYS C 114 11.36 34.65 -24.28
C LYS C 114 10.56 35.49 -25.26
N ASP C 115 9.63 36.30 -24.78
CA ASP C 115 8.87 37.23 -25.61
C ASP C 115 9.73 38.45 -25.95
N VAL C 116 9.15 39.43 -26.64
CA VAL C 116 9.91 40.61 -27.02
C VAL C 116 9.99 41.55 -25.83
N ALA C 117 11.01 41.38 -25.01
CA ALA C 117 11.30 42.27 -23.90
C ALA C 117 12.34 43.33 -24.26
N GLY C 118 13.36 42.95 -25.02
CA GLY C 118 14.38 43.88 -25.46
C GLY C 118 15.76 43.25 -25.50
N LYS C 119 16.45 43.39 -26.62
CA LYS C 119 17.78 42.84 -26.78
C LYS C 119 18.82 43.79 -26.19
N ASP C 120 20.00 43.22 -25.92
CA ASP C 120 21.19 43.94 -25.41
C ASP C 120 20.90 44.62 -24.07
N SER C 121 20.51 43.81 -23.09
CA SER C 121 20.24 44.30 -21.75
C SER C 121 21.12 43.65 -20.68
N PHE C 122 21.41 42.36 -20.81
CA PHE C 122 22.23 41.67 -19.81
C PHE C 122 23.70 42.06 -19.98
N PRO C 123 24.37 42.49 -18.93
CA PRO C 123 25.79 42.85 -19.04
C PRO C 123 26.67 41.60 -19.04
N ALA C 124 27.96 41.82 -19.33
CA ALA C 124 28.94 40.75 -19.27
C ALA C 124 29.18 40.33 -17.82
N SER C 125 29.46 39.04 -17.63
CA SER C 125 29.59 38.47 -16.30
C SER C 125 31.00 38.09 -15.93
N PHE C 126 31.65 37.21 -16.73
CA PHE C 126 32.97 36.64 -16.46
C PHE C 126 33.02 35.98 -15.08
N ILE C 127 32.27 34.89 -14.95
CA ILE C 127 32.17 34.18 -13.68
C ILE C 127 33.51 33.55 -13.32
N VAL C 128 33.79 33.50 -12.02
CA VAL C 128 35.06 33.00 -11.52
C VAL C 128 34.78 31.99 -10.40
N LYS C 129 35.56 30.91 -10.38
CA LYS C 129 35.43 29.87 -9.38
C LYS C 129 36.54 30.02 -8.36
N LEU C 130 36.17 30.10 -7.09
CA LEU C 130 37.11 30.22 -6.00
C LEU C 130 37.07 28.96 -5.15
N GLU C 131 38.26 28.42 -4.86
CA GLU C 131 38.38 27.19 -4.09
C GLU C 131 38.21 27.40 -2.59
N ASN C 132 38.07 28.65 -2.13
CA ASN C 132 37.92 28.98 -0.72
C ASN C 132 36.61 29.75 -0.47
N PRO C 133 35.47 29.03 -0.35
CA PRO C 133 34.17 29.66 -0.11
C PRO C 133 33.94 30.12 1.33
N GLU C 134 34.94 30.80 1.89
CA GLU C 134 34.85 31.42 3.21
C GLU C 134 35.34 32.86 3.22
N GLN C 135 36.14 33.28 2.24
CA GLN C 135 36.57 34.66 2.09
C GLN C 135 35.64 35.42 1.15
N HIS C 136 34.38 35.04 1.09
CA HIS C 136 33.35 35.71 0.31
C HIS C 136 32.72 36.89 1.03
N LYS C 137 33.10 37.17 2.28
CA LYS C 137 32.67 38.39 2.94
C LYS C 137 33.30 39.62 2.31
N ASP C 138 34.58 39.54 1.95
CA ASP C 138 35.31 40.70 1.43
C ASP C 138 35.65 40.58 -0.04
N PHE C 139 35.41 39.43 -0.68
CA PHE C 139 35.68 39.32 -2.11
C PHE C 139 34.67 40.11 -2.92
N ASP C 140 33.40 40.08 -2.54
CA ASP C 140 32.40 40.89 -3.21
C ASP C 140 32.56 42.37 -2.89
N THR C 141 32.95 42.70 -1.66
CA THR C 141 33.18 44.09 -1.25
C THR C 141 34.65 44.46 -1.44
N ALA C 142 35.13 44.20 -2.65
CA ALA C 142 36.46 44.64 -3.08
C ALA C 142 36.32 45.38 -4.39
N MET C 143 35.25 45.09 -5.12
CA MET C 143 34.93 45.75 -6.37
C MET C 143 34.11 47.03 -6.16
N LYS C 144 33.67 47.29 -4.94
CA LYS C 144 32.83 48.45 -4.66
C LYS C 144 33.65 49.73 -4.69
N GLY C 145 33.14 50.73 -5.41
CA GLY C 145 33.85 51.98 -5.59
C GLY C 145 34.82 51.99 -6.74
N GLN C 146 35.04 50.85 -7.40
CA GLN C 146 35.98 50.77 -8.51
C GLN C 146 35.22 50.86 -9.82
N PRO C 147 35.60 51.74 -10.74
CA PRO C 147 34.98 51.74 -12.07
C PRO C 147 35.33 50.48 -12.85
N GLY C 148 34.45 50.12 -13.76
CA GLY C 148 34.57 48.88 -14.52
C GLY C 148 33.68 47.77 -14.00
N VAL C 149 33.17 47.90 -12.78
CA VAL C 149 32.25 46.93 -12.18
C VAL C 149 30.94 47.64 -11.91
N LEU C 150 29.84 47.10 -12.46
CA LEU C 150 28.54 47.71 -12.23
C LEU C 150 28.05 47.39 -10.83
N ASP C 151 27.90 46.10 -10.52
CA ASP C 151 27.68 45.65 -9.15
C ASP C 151 28.21 44.22 -9.04
N VAL C 152 27.91 43.58 -7.91
CA VAL C 152 28.38 42.23 -7.63
C VAL C 152 27.21 41.42 -7.09
N LEU C 153 27.15 40.14 -7.47
CA LEU C 153 26.16 39.21 -6.98
C LEU C 153 26.88 38.05 -6.30
N ASN C 154 26.40 37.67 -5.12
CA ASN C 154 26.90 36.48 -4.45
C ASN C 154 25.67 35.82 -3.81
N GLN C 155 25.05 34.92 -4.57
CA GLN C 155 23.83 34.25 -4.14
C GLN C 155 24.11 32.88 -3.53
N LYS C 156 25.39 32.51 -3.42
CA LYS C 156 25.74 31.17 -2.93
C LYS C 156 25.47 31.03 -1.45
N GLU C 157 25.54 32.13 -0.70
CA GLU C 157 25.04 32.12 0.66
C GLU C 157 23.53 31.98 0.64
N LEU C 158 23.01 31.24 1.62
CA LEU C 158 21.60 31.07 1.93
C LEU C 158 20.80 30.43 0.80
N ILE C 159 21.47 29.73 -0.12
CA ILE C 159 20.81 28.75 -0.98
C ILE C 159 21.26 27.34 -0.69
N ASP C 160 22.28 27.17 0.15
CA ASP C 160 22.57 25.87 0.72
C ASP C 160 21.47 25.44 1.68
N ARG C 161 20.76 26.40 2.28
CA ARG C 161 19.64 26.04 3.15
C ARG C 161 18.44 25.52 2.35
N LEU C 162 18.16 26.11 1.18
CA LEU C 162 17.03 25.62 0.40
C LEU C 162 17.35 24.29 -0.25
N PHE C 163 18.60 24.10 -0.70
CA PHE C 163 19.07 22.78 -1.12
C PHE C 163 19.02 21.78 0.02
N ALA C 164 19.38 22.22 1.24
CA ALA C 164 19.39 21.34 2.39
C ALA C 164 17.98 20.87 2.76
N VAL C 165 17.01 21.80 2.78
CA VAL C 165 15.65 21.40 3.12
C VAL C 165 15.02 20.67 1.95
N LEU C 166 15.50 20.87 0.72
CA LEU C 166 14.96 20.14 -0.42
C LEU C 166 15.43 18.69 -0.42
N ASP C 167 16.70 18.45 -0.13
CA ASP C 167 17.21 17.08 -0.20
C ASP C 167 17.11 16.34 1.13
N GLY C 168 16.90 17.05 2.25
CA GLY C 168 16.69 16.37 3.52
C GLY C 168 15.38 15.62 3.54
N LEU C 169 14.32 16.21 2.98
CA LEU C 169 13.07 15.48 2.88
C LEU C 169 13.16 14.34 1.88
N SER C 170 14.01 14.47 0.86
CA SER C 170 14.24 13.35 -0.07
C SER C 170 14.93 12.20 0.63
N ASN C 171 15.94 12.51 1.47
CA ASN C 171 16.62 11.46 2.23
C ASN C 171 15.70 10.84 3.27
N ALA C 172 14.84 11.65 3.89
CA ALA C 172 13.87 11.13 4.85
C ALA C 172 12.84 10.24 4.18
N ALA C 173 12.36 10.64 3.00
CA ALA C 173 11.41 9.83 2.26
C ALA C 173 12.06 8.54 1.75
N PHE C 174 13.34 8.61 1.39
CA PHE C 174 14.08 7.40 1.03
C PHE C 174 14.21 6.45 2.21
N ALA C 175 14.46 6.99 3.40
CA ALA C 175 14.57 6.15 4.60
C ALA C 175 13.23 5.50 4.94
N VAL C 176 12.14 6.28 4.88
CA VAL C 176 10.81 5.74 5.20
C VAL C 176 10.37 4.74 4.14
N ALA C 177 10.67 5.00 2.87
CA ALA C 177 10.37 4.03 1.81
C ALA C 177 11.21 2.77 1.95
N LEU C 178 12.45 2.91 2.40
CA LEU C 178 13.30 1.76 2.60
C LEU C 178 12.75 0.88 3.71
N VAL C 179 12.39 1.49 4.85
CA VAL C 179 11.94 0.69 5.98
C VAL C 179 10.54 0.14 5.72
N GLN C 180 9.73 0.83 4.90
CA GLN C 180 8.47 0.25 4.43
C GLN C 180 8.71 -0.94 3.52
N ALA C 181 9.73 -0.86 2.66
CA ALA C 181 10.08 -1.98 1.78
C ALA C 181 10.57 -3.18 2.59
N ILE C 182 11.35 -2.92 3.64
CA ILE C 182 11.77 -3.99 4.55
C ILE C 182 10.56 -4.60 5.26
N GLY C 183 9.59 -3.77 5.63
CA GLY C 183 8.36 -4.31 6.19
C GLY C 183 7.47 -5.05 5.22
N ALA C 184 7.63 -4.81 3.91
CA ALA C 184 6.76 -5.39 2.89
C ALA C 184 7.33 -6.62 2.20
N ILE C 185 8.66 -6.76 2.16
CA ILE C 185 9.27 -7.88 1.43
C ILE C 185 8.96 -9.21 2.08
N LEU C 186 8.75 -9.23 3.41
CA LEU C 186 8.33 -10.47 4.03
C LEU C 186 6.81 -10.56 4.18
N LEU C 187 6.10 -9.45 3.97
CA LEU C 187 4.66 -9.58 3.73
C LEU C 187 4.41 -10.33 2.43
N ILE C 188 5.28 -10.14 1.45
CA ILE C 188 5.30 -10.99 0.26
C ILE C 188 5.57 -12.44 0.66
N ALA C 189 6.48 -12.65 1.62
CA ALA C 189 6.88 -14.00 1.99
C ALA C 189 5.81 -14.71 2.82
N ASN C 190 4.91 -13.98 3.47
CA ASN C 190 3.87 -14.71 4.19
C ASN C 190 2.52 -14.70 3.48
N MET C 191 2.39 -13.99 2.34
CA MET C 191 1.31 -14.30 1.40
C MET C 191 1.24 -15.77 1.08
N VAL C 192 2.37 -16.35 0.67
CA VAL C 192 2.39 -17.76 0.27
C VAL C 192 2.21 -18.67 1.47
N GLN C 193 2.61 -18.24 2.67
CA GLN C 193 2.43 -19.07 3.85
C GLN C 193 0.96 -19.13 4.26
N VAL C 194 0.28 -17.99 4.26
CA VAL C 194 -1.15 -18.01 4.60
C VAL C 194 -1.96 -18.58 3.43
N ALA C 195 -1.43 -18.53 2.20
CA ALA C 195 -2.10 -19.15 1.07
C ALA C 195 -2.00 -20.67 1.14
N ALA C 196 -0.83 -21.19 1.51
CA ALA C 196 -0.69 -22.62 1.75
C ALA C 196 -1.49 -23.06 2.97
N TYR C 197 -1.70 -22.16 3.93
CA TYR C 197 -2.61 -22.47 5.04
C TYR C 197 -4.05 -22.57 4.58
N THR C 198 -4.53 -21.60 3.79
CA THR C 198 -5.94 -21.57 3.42
C THR C 198 -6.26 -22.39 2.18
N ARG C 199 -5.26 -22.87 1.45
CA ARG C 199 -5.46 -23.70 0.27
C ARG C 199 -4.68 -24.99 0.40
N ARG C 200 -4.68 -25.57 1.60
CA ARG C 200 -3.81 -26.70 1.94
C ARG C 200 -4.23 -28.00 1.27
N THR C 201 -5.43 -28.07 0.72
CA THR C 201 -5.89 -29.33 0.13
C THR C 201 -5.28 -29.58 -1.24
N GLU C 202 -5.42 -28.63 -2.16
CA GLU C 202 -5.00 -28.88 -3.54
C GLU C 202 -3.49 -28.80 -3.75
N ILE C 203 -2.76 -27.99 -2.98
CA ILE C 203 -1.31 -28.10 -3.01
C ILE C 203 -0.87 -29.45 -2.42
N GLY C 204 -1.63 -29.95 -1.45
CA GLY C 204 -1.36 -31.24 -0.88
C GLY C 204 -1.89 -32.42 -1.68
N ILE C 205 -2.48 -32.17 -2.85
CA ILE C 205 -2.95 -33.29 -3.66
C ILE C 205 -2.22 -33.25 -5.00
N MET C 206 -1.74 -32.07 -5.42
CA MET C 206 -1.04 -32.01 -6.69
C MET C 206 0.38 -32.58 -6.57
N ARG C 207 0.95 -32.56 -5.36
CA ARG C 207 2.26 -33.15 -5.16
C ARG C 207 2.17 -34.66 -4.96
N LEU C 208 1.02 -35.17 -4.49
CA LEU C 208 0.88 -36.62 -4.35
C LEU C 208 0.64 -37.30 -5.69
N VAL C 209 -0.20 -36.69 -6.54
CA VAL C 209 -0.43 -37.27 -7.86
C VAL C 209 0.74 -36.98 -8.79
N GLY C 210 1.56 -35.99 -8.46
CA GLY C 210 2.74 -35.69 -9.24
C GLY C 210 2.55 -34.52 -10.18
N ALA C 211 3.06 -33.36 -9.78
CA ALA C 211 3.04 -32.17 -10.61
C ALA C 211 4.46 -31.66 -10.80
N SER C 212 4.68 -30.85 -11.82
CA SER C 212 5.98 -30.26 -12.05
C SER C 212 6.27 -29.20 -10.98
N ARG C 213 7.57 -29.04 -10.69
CA ARG C 213 8.00 -28.14 -9.62
C ARG C 213 7.68 -26.68 -9.94
N TRP C 214 7.71 -26.33 -11.23
CA TRP C 214 7.38 -24.97 -11.63
C TRP C 214 5.90 -24.66 -11.39
N TYR C 215 5.02 -25.60 -11.76
CA TYR C 215 3.58 -25.41 -11.68
C TYR C 215 3.08 -25.46 -10.23
N THR C 216 3.90 -25.89 -9.27
CA THR C 216 3.53 -25.76 -7.87
C THR C 216 3.48 -24.31 -7.41
N GLN C 217 4.46 -23.49 -7.80
CA GLN C 217 4.48 -22.09 -7.41
C GLN C 217 4.07 -21.12 -8.51
N LEU C 218 3.71 -21.61 -9.70
CA LEU C 218 3.07 -20.73 -10.68
C LEU C 218 1.78 -20.07 -10.18
N PRO C 219 0.80 -20.77 -9.57
CA PRO C 219 -0.34 -20.02 -9.01
C PRO C 219 -0.09 -19.40 -7.66
N PHE C 220 1.18 -19.31 -7.22
CA PHE C 220 1.58 -18.43 -6.15
C PHE C 220 2.38 -17.22 -6.63
N LEU C 221 2.82 -17.23 -7.90
CA LEU C 221 3.57 -16.13 -8.47
C LEU C 221 2.78 -15.29 -9.45
N VAL C 222 1.82 -15.88 -10.18
CA VAL C 222 1.04 -15.13 -11.16
C VAL C 222 0.20 -14.06 -10.48
N GLU C 223 -0.42 -14.40 -9.35
CA GLU C 223 -1.20 -13.39 -8.63
C GLU C 223 -0.31 -12.38 -7.93
N ALA C 224 0.92 -12.75 -7.58
CA ALA C 224 1.85 -11.79 -6.98
C ALA C 224 2.32 -10.77 -8.01
N MET C 225 2.55 -11.21 -9.25
CA MET C 225 2.93 -10.29 -10.31
C MET C 225 1.82 -9.29 -10.63
N LEU C 226 0.56 -9.75 -10.67
CA LEU C 226 -0.51 -8.81 -10.93
C LEU C 226 -0.83 -7.94 -9.72
N ALA C 227 -0.61 -8.46 -8.50
CA ALA C 227 -0.81 -7.64 -7.30
C ALA C 227 0.23 -6.54 -7.21
N ALA C 228 1.47 -6.82 -7.62
CA ALA C 228 2.51 -5.80 -7.65
C ALA C 228 2.18 -4.71 -8.67
N THR C 229 1.66 -5.10 -9.85
CA THR C 229 1.32 -4.10 -10.86
C THR C 229 0.09 -3.29 -10.44
N MET C 230 -0.86 -3.94 -9.76
CA MET C 230 -2.00 -3.20 -9.21
C MET C 230 -1.55 -2.24 -8.12
N GLY C 231 -0.58 -2.65 -7.29
CA GLY C 231 -0.06 -1.77 -6.26
C GLY C 231 0.66 -0.55 -6.82
N VAL C 232 1.49 -0.77 -7.84
CA VAL C 232 2.18 0.37 -8.44
C VAL C 232 1.21 1.24 -9.24
N GLY C 233 0.14 0.65 -9.78
CA GLY C 233 -0.87 1.44 -10.46
C GLY C 233 -1.65 2.34 -9.51
N ILE C 234 -2.05 1.79 -8.36
CA ILE C 234 -2.73 2.60 -7.34
C ILE C 234 -1.77 3.65 -6.76
N ALA C 235 -0.47 3.32 -6.68
CA ALA C 235 0.51 4.29 -6.19
C ALA C 235 0.68 5.46 -7.16
N VAL C 236 0.85 5.18 -8.46
CA VAL C 236 1.01 6.27 -9.41
C VAL C 236 -0.31 6.99 -9.68
N ALA C 237 -1.45 6.36 -9.40
CA ALA C 237 -2.70 7.11 -9.45
C ALA C 237 -2.87 8.02 -8.24
N GLY C 238 -2.50 7.53 -7.05
CA GLY C 238 -2.67 8.31 -5.84
C GLY C 238 -1.63 9.38 -5.62
N LEU C 239 -0.49 9.29 -6.31
CA LEU C 239 0.49 10.36 -6.18
C LEU C 239 0.04 11.63 -6.90
N MET C 240 -0.70 11.48 -8.00
CA MET C 240 -1.28 12.65 -8.67
C MET C 240 -2.35 13.32 -7.83
N VAL C 241 -3.22 12.54 -7.18
CA VAL C 241 -4.37 13.17 -6.50
C VAL C 241 -3.91 13.84 -5.21
N VAL C 242 -2.79 13.41 -4.63
CA VAL C 242 -2.22 14.17 -3.53
C VAL C 242 -1.34 15.31 -4.07
N ARG C 243 -0.80 15.15 -5.28
CA ARG C 243 -0.04 16.24 -5.90
C ARG C 243 -0.96 17.37 -6.36
N ALA C 244 -2.04 17.03 -7.06
CA ALA C 244 -2.86 18.02 -7.73
C ALA C 244 -3.91 18.67 -6.84
N LEU C 245 -4.17 18.11 -5.66
CA LEU C 245 -5.20 18.66 -4.77
C LEU C 245 -4.62 19.17 -3.46
N PHE C 246 -3.74 18.40 -2.83
CA PHE C 246 -3.17 18.81 -1.55
C PHE C 246 -1.80 19.46 -1.68
N LEU C 247 -1.09 19.20 -2.76
CA LEU C 247 0.27 19.72 -2.93
C LEU C 247 0.36 20.78 -4.03
N GLU C 248 -0.68 20.95 -4.84
CA GLU C 248 -0.69 21.96 -5.90
C GLU C 248 -1.09 23.33 -5.34
N ASN C 249 -0.31 23.79 -4.38
CA ASN C 249 -0.42 25.14 -3.86
C ASN C 249 0.93 25.79 -3.64
N ALA C 250 2.04 25.08 -3.90
CA ALA C 250 3.38 25.61 -3.72
C ALA C 250 4.18 25.59 -5.01
N LEU C 251 4.20 24.45 -5.73
CA LEU C 251 5.04 24.33 -6.92
C LEU C 251 4.46 25.13 -8.08
N ASN C 252 3.15 25.36 -8.08
CA ASN C 252 2.55 26.24 -9.07
C ASN C 252 2.98 27.69 -8.82
N GLN C 253 3.09 28.09 -7.56
CA GLN C 253 3.62 29.39 -7.21
C GLN C 253 5.12 29.52 -7.47
N PHE C 254 5.86 28.41 -7.49
CA PHE C 254 7.30 28.47 -7.72
C PHE C 254 7.66 28.69 -9.18
N TYR C 255 6.69 28.54 -10.09
CA TYR C 255 6.96 28.86 -11.49
C TYR C 255 7.12 30.37 -11.69
N GLN C 256 6.30 31.17 -10.99
CA GLN C 256 6.49 32.61 -11.03
C GLN C 256 7.71 33.03 -10.21
N ALA C 257 8.04 32.26 -9.18
CA ALA C 257 9.22 32.53 -8.36
C ALA C 257 10.50 31.99 -8.98
N ASN C 258 10.38 31.24 -10.08
CA ASN C 258 11.45 30.53 -10.82
C ASN C 258 12.48 29.87 -9.88
N LEU C 259 11.97 29.07 -8.95
CA LEU C 259 12.83 28.34 -8.01
C LEU C 259 13.05 26.90 -8.45
N ILE C 260 11.97 26.16 -8.64
CA ILE C 260 12.06 24.79 -9.14
C ILE C 260 12.20 24.83 -10.66
N ALA C 261 12.54 23.69 -11.25
CA ALA C 261 12.62 23.59 -12.70
C ALA C 261 11.25 23.28 -13.26
N LYS C 262 11.18 23.00 -14.57
CA LYS C 262 9.92 22.69 -15.23
C LYS C 262 9.51 21.28 -14.84
N VAL C 263 8.56 21.18 -13.90
CA VAL C 263 8.07 19.91 -13.39
C VAL C 263 6.59 19.79 -13.72
N ASP C 264 6.21 18.70 -14.37
CA ASP C 264 4.82 18.49 -14.76
C ASP C 264 4.39 17.06 -14.48
N TYR C 265 3.20 16.69 -14.94
CA TYR C 265 2.69 15.34 -14.72
C TYR C 265 3.34 14.31 -15.63
N ALA C 266 4.02 14.75 -16.68
CA ALA C 266 4.70 13.84 -17.59
C ALA C 266 6.07 13.41 -17.07
N ASP C 267 6.52 13.95 -15.95
CA ASP C 267 7.83 13.58 -15.41
C ASP C 267 7.79 12.18 -14.80
N ILE C 268 6.60 11.70 -14.43
CA ILE C 268 6.49 10.37 -13.84
C ILE C 268 6.72 9.28 -14.87
N LEU C 269 6.54 9.57 -16.17
CA LEU C 269 6.68 8.55 -17.19
C LEU C 269 8.13 8.12 -17.42
N PHE C 270 9.08 8.95 -16.98
CA PHE C 270 10.48 8.58 -17.09
C PHE C 270 10.88 7.56 -16.05
N ILE C 271 10.11 7.41 -14.98
CA ILE C 271 10.43 6.48 -13.90
C ILE C 271 9.41 5.37 -13.75
N THR C 272 8.24 5.46 -14.40
CA THR C 272 7.28 4.36 -14.40
C THR C 272 7.80 3.01 -14.93
N PRO C 273 8.62 2.90 -16.00
CA PRO C 273 9.12 1.55 -16.34
C PRO C 273 10.11 0.99 -15.33
N TRP C 274 10.99 1.82 -14.77
CA TRP C 274 11.89 1.36 -13.72
C TRP C 274 11.12 0.94 -12.47
N LEU C 275 10.08 1.70 -12.12
CA LEU C 275 9.25 1.36 -10.97
C LEU C 275 8.43 0.09 -11.23
N LEU C 276 7.95 -0.07 -12.47
CA LEU C 276 7.23 -1.27 -12.89
C LEU C 276 8.11 -2.52 -12.79
N LEU C 277 9.36 -2.42 -13.25
CA LEU C 277 10.26 -3.55 -13.14
C LEU C 277 10.71 -3.78 -11.70
N LEU C 278 10.86 -2.71 -10.92
CA LEU C 278 11.29 -2.82 -9.53
C LEU C 278 10.23 -3.51 -8.67
N GLY C 279 8.96 -3.20 -8.89
CA GLY C 279 7.90 -3.82 -8.09
C GLY C 279 7.77 -5.31 -8.34
N VAL C 280 7.81 -5.72 -9.62
CA VAL C 280 7.71 -7.14 -9.91
C VAL C 280 8.99 -7.87 -9.55
N ALA C 281 10.14 -7.17 -9.56
CA ALA C 281 11.39 -7.80 -9.13
C ALA C 281 11.40 -8.04 -7.63
N MET C 282 10.99 -7.03 -6.85
CA MET C 282 10.94 -7.17 -5.40
C MET C 282 9.80 -8.08 -4.96
N SER C 283 8.81 -8.31 -5.82
CA SER C 283 7.83 -9.36 -5.57
C SER C 283 8.40 -10.75 -5.85
N GLY C 284 8.93 -10.97 -7.04
CA GLY C 284 9.34 -12.30 -7.46
C GLY C 284 10.62 -12.79 -6.82
N LEU C 285 11.47 -11.89 -6.32
CA LEU C 285 12.70 -12.31 -5.66
C LEU C 285 12.40 -12.99 -4.33
N THR C 286 11.34 -12.55 -3.66
CA THR C 286 10.96 -13.12 -2.38
C THR C 286 9.81 -14.12 -2.51
N ALA C 287 9.06 -14.10 -3.61
CA ALA C 287 8.02 -15.09 -3.83
C ALA C 287 8.54 -16.43 -4.30
N TYR C 288 9.77 -16.48 -4.84
CA TYR C 288 10.35 -17.71 -5.36
C TYR C 288 11.42 -18.27 -4.45
N LEU C 289 12.30 -17.42 -3.91
CA LEU C 289 13.45 -17.92 -3.18
C LEU C 289 13.07 -18.43 -1.79
N THR C 290 11.86 -18.11 -1.33
CA THR C 290 11.37 -18.71 -0.10
C THR C 290 11.02 -20.19 -0.31
N LEU C 291 10.33 -20.50 -1.40
CA LEU C 291 9.74 -21.82 -1.60
C LEU C 291 10.71 -22.84 -2.18
N ARG C 292 12.01 -22.58 -2.19
CA ARG C 292 12.94 -23.55 -2.75
C ARG C 292 13.10 -24.76 -1.84
N LEU C 293 13.24 -24.52 -0.53
CA LEU C 293 13.53 -25.61 0.40
C LEU C 293 12.27 -26.18 1.07
N TYR C 294 11.10 -25.58 0.85
CA TYR C 294 9.89 -26.13 1.44
C TYR C 294 9.44 -27.42 0.77
N VAL C 295 9.58 -27.51 -0.54
CA VAL C 295 9.19 -28.72 -1.27
C VAL C 295 10.42 -29.35 -1.91
N SER D 51 -22.67 77.08 -88.27
CA SER D 51 -21.84 77.68 -87.22
C SER D 51 -22.13 77.05 -85.87
N ARG D 52 -22.98 76.02 -85.87
CA ARG D 52 -23.35 75.33 -84.63
C ARG D 52 -22.33 74.28 -84.21
N GLN D 53 -21.31 74.02 -85.03
CA GLN D 53 -20.30 73.02 -84.68
C GLN D 53 -19.36 73.52 -83.59
N ALA D 54 -19.27 74.83 -83.37
CA ALA D 54 -18.44 75.39 -82.32
C ALA D 54 -19.24 76.03 -81.19
N GLU D 55 -20.43 76.56 -81.47
CA GLU D 55 -21.24 77.21 -80.45
C GLU D 55 -21.90 76.24 -79.48
N GLN D 56 -21.90 74.93 -79.79
CA GLN D 56 -22.53 73.96 -78.92
C GLN D 56 -21.72 73.67 -77.67
N THR D 57 -20.41 73.92 -77.69
CA THR D 57 -19.53 73.65 -76.56
C THR D 57 -19.05 74.93 -75.89
N THR D 58 -19.79 76.03 -76.01
CA THR D 58 -19.37 77.29 -75.41
C THR D 58 -19.52 77.27 -73.90
N GLU D 59 -20.66 76.77 -73.40
CA GLU D 59 -20.90 76.74 -71.97
C GLU D 59 -20.14 75.63 -71.26
N ALA D 60 -19.62 74.65 -72.01
CA ALA D 60 -18.88 73.56 -71.40
C ALA D 60 -17.56 74.03 -70.79
N LEU D 61 -16.90 75.01 -71.44
CA LEU D 61 -15.66 75.54 -70.89
C LEU D 61 -15.90 76.35 -69.63
N HIS D 62 -17.05 77.04 -69.55
CA HIS D 62 -17.39 77.77 -68.34
C HIS D 62 -17.80 76.82 -67.21
N SER D 63 -18.49 75.73 -67.54
CA SER D 63 -18.97 74.81 -66.52
C SER D 63 -17.95 73.73 -66.16
N ALA D 64 -16.83 73.64 -66.88
CA ALA D 64 -15.83 72.63 -66.57
C ALA D 64 -14.77 73.09 -65.57
N GLN D 65 -15.07 74.10 -64.76
CA GLN D 65 -14.18 74.49 -63.67
C GLN D 65 -14.57 73.85 -62.34
N LEU D 66 -15.81 73.37 -62.23
CA LEU D 66 -16.30 72.81 -60.97
C LEU D 66 -15.57 71.50 -60.63
N ASP D 67 -15.33 70.65 -61.63
CA ASP D 67 -14.66 69.38 -61.39
C ASP D 67 -13.20 69.56 -60.97
N LEU D 68 -12.49 70.49 -61.60
CA LEU D 68 -11.11 70.75 -61.19
C LEU D 68 -11.05 71.45 -59.85
N ASN D 69 -12.05 72.29 -59.53
CA ASN D 69 -12.09 72.92 -58.21
C ASN D 69 -12.33 71.90 -57.11
N GLU D 70 -13.26 70.96 -57.32
CA GLU D 70 -13.51 69.95 -56.29
C GLU D 70 -12.37 68.94 -56.21
N LYS D 71 -11.69 68.67 -57.33
CA LYS D 71 -10.50 67.81 -57.28
C LYS D 71 -9.37 68.46 -56.51
N LEU D 72 -9.18 69.78 -56.71
CA LEU D 72 -8.17 70.51 -55.95
C LEU D 72 -8.51 70.55 -54.47
N ALA D 73 -9.80 70.72 -54.15
CA ALA D 73 -10.24 70.68 -52.75
C ALA D 73 -10.04 69.30 -52.14
N ALA D 74 -10.29 68.24 -52.91
CA ALA D 74 -10.13 66.88 -52.39
C ALA D 74 -8.67 66.55 -52.15
N GLN D 75 -7.77 66.94 -53.07
CA GLN D 75 -6.36 66.67 -52.84
C GLN D 75 -5.79 67.57 -51.74
N ARG D 76 -6.35 68.78 -51.57
CA ARG D 76 -5.96 69.61 -50.43
C ARG D 76 -6.38 68.98 -49.11
N ALA D 77 -7.59 68.43 -49.05
CA ALA D 77 -8.05 67.75 -47.84
C ALA D 77 -7.20 66.52 -47.55
N ALA D 78 -6.84 65.78 -48.60
CA ALA D 78 -5.94 64.63 -48.45
C ALA D 78 -4.57 65.06 -47.94
N ASP D 79 -4.06 66.19 -48.45
CA ASP D 79 -2.74 66.66 -48.01
C ASP D 79 -2.75 67.14 -46.56
N GLN D 80 -3.82 67.84 -46.16
CA GLN D 80 -3.88 68.33 -44.78
C GLN D 80 -4.18 67.23 -43.77
N LYS D 81 -4.89 66.17 -44.16
CA LYS D 81 -4.92 65.03 -43.25
C LYS D 81 -3.61 64.25 -43.28
N LEU D 82 -2.90 64.28 -44.42
CA LEU D 82 -1.60 63.64 -44.54
C LEU D 82 -0.54 64.35 -43.71
N ALA D 83 -0.73 65.64 -43.43
CA ALA D 83 0.20 66.36 -42.58
C ALA D 83 0.07 66.02 -41.10
N ASP D 84 -0.99 65.33 -40.70
CA ASP D 84 -1.25 65.03 -39.29
C ASP D 84 -1.21 63.54 -38.98
N ASN D 85 -1.58 62.69 -39.95
CA ASN D 85 -1.73 61.26 -39.65
C ASN D 85 -0.39 60.57 -39.35
N ARG D 86 0.63 60.75 -40.20
CA ARG D 86 1.92 60.17 -39.88
C ARG D 86 2.62 60.91 -38.75
N THR D 87 2.24 62.16 -38.48
CA THR D 87 2.76 62.83 -37.29
C THR D 87 2.26 62.17 -36.01
N ALA D 88 0.96 61.85 -35.99
CA ALA D 88 0.38 61.12 -34.85
C ALA D 88 0.96 59.72 -34.74
N LEU D 89 1.14 59.05 -35.88
CA LEU D 89 1.75 57.72 -35.88
C LEU D 89 3.21 57.76 -35.41
N ASP D 90 3.94 58.81 -35.79
CA ASP D 90 5.33 58.94 -35.37
C ASP D 90 5.43 59.22 -33.88
N ALA D 91 4.52 60.03 -33.34
CA ALA D 91 4.49 60.23 -31.89
C ALA D 91 4.14 58.94 -31.15
N ALA D 92 3.18 58.18 -31.68
CA ALA D 92 2.75 56.94 -31.04
C ALA D 92 3.83 55.88 -31.06
N ARG D 93 4.59 55.79 -32.15
CA ARG D 93 5.72 54.87 -32.17
C ARG D 93 6.91 55.41 -31.38
N ALA D 94 7.05 56.73 -31.27
CA ALA D 94 8.21 57.31 -30.60
C ALA D 94 8.12 57.17 -29.09
N ARG D 95 6.91 57.25 -28.53
CA ARG D 95 6.78 57.03 -27.08
C ARG D 95 7.11 55.59 -26.70
N LEU D 96 6.65 54.61 -27.50
CA LEU D 96 7.03 53.23 -27.27
C LEU D 96 8.52 53.02 -27.51
N ALA D 97 9.09 53.75 -28.48
CA ALA D 97 10.52 53.69 -28.74
C ALA D 97 11.33 54.18 -27.55
N THR D 98 10.85 55.24 -26.90
CA THR D 98 11.51 55.70 -25.67
C THR D 98 11.24 54.77 -24.50
N PHE D 99 10.16 53.97 -24.58
CA PHE D 99 9.83 53.11 -23.45
C PHE D 99 10.42 51.71 -23.53
N GLN D 100 10.96 51.26 -24.68
CA GLN D 100 11.60 49.94 -24.68
C GLN D 100 12.86 49.94 -23.81
N THR D 101 13.62 51.04 -23.83
CA THR D 101 14.85 51.11 -23.03
C THR D 101 14.58 51.20 -21.53
N ALA D 102 13.33 51.45 -21.12
CA ALA D 102 12.95 51.35 -19.73
C ALA D 102 12.36 49.99 -19.37
N VAL D 103 11.51 49.42 -20.24
CA VAL D 103 10.88 48.15 -19.88
C VAL D 103 11.89 47.00 -19.91
N ASN D 104 12.87 47.05 -20.81
CA ASN D 104 13.89 45.99 -20.80
C ASN D 104 14.85 46.17 -19.63
N LYS D 105 15.06 47.41 -19.20
CA LYS D 105 15.93 47.65 -18.05
C LYS D 105 15.28 47.18 -16.76
N VAL D 106 13.97 47.40 -16.61
CA VAL D 106 13.30 46.92 -15.40
C VAL D 106 13.08 45.40 -15.50
N ALA D 107 13.02 44.86 -16.71
CA ALA D 107 12.95 43.41 -16.87
C ALA D 107 14.28 42.74 -16.50
N ALA D 108 15.39 43.31 -16.94
CA ALA D 108 16.70 42.77 -16.63
C ALA D 108 17.22 43.21 -15.27
N ALA D 109 16.48 44.08 -14.57
CA ALA D 109 16.91 44.53 -13.24
C ALA D 109 16.83 43.43 -12.20
N THR D 110 15.92 42.48 -12.35
CA THR D 110 15.84 41.36 -11.42
C THR D 110 16.91 40.31 -11.66
N TYR D 111 17.64 40.41 -12.77
CA TYR D 111 18.74 39.47 -13.03
C TYR D 111 19.91 39.70 -12.08
N MET D 112 20.17 40.96 -11.72
CA MET D 112 21.17 41.27 -10.69
C MET D 112 20.52 41.27 -9.31
N GLY D 113 20.16 40.06 -8.86
CA GLY D 113 19.77 39.84 -7.48
C GLY D 113 18.36 40.23 -7.11
N GLY D 114 17.46 40.32 -8.09
CA GLY D 114 16.08 40.64 -7.77
C GLY D 114 15.21 39.43 -7.54
N ARG D 115 15.76 38.40 -6.91
CA ARG D 115 15.02 37.17 -6.62
C ARG D 115 14.23 37.37 -5.34
N THR D 116 13.05 37.99 -5.49
CA THR D 116 12.20 38.29 -4.35
C THR D 116 10.72 38.08 -4.65
N HIS D 117 10.38 37.38 -5.72
CA HIS D 117 9.00 37.31 -6.21
C HIS D 117 8.32 36.00 -5.81
N GLY D 118 8.62 35.47 -4.63
CA GLY D 118 8.02 34.24 -4.18
C GLY D 118 8.59 33.76 -2.87
N MET D 119 8.91 32.46 -2.80
CA MET D 119 9.49 31.91 -1.58
C MET D 119 10.93 32.37 -1.36
N ASP D 120 11.64 32.76 -2.42
CA ASP D 120 13.04 33.14 -2.31
C ASP D 120 13.28 34.42 -1.52
N ALA D 121 12.24 35.21 -1.26
CA ALA D 121 12.43 36.49 -0.60
C ALA D 121 12.71 36.30 0.89
N ILE D 122 12.24 35.20 1.49
CA ILE D 122 12.62 34.93 2.88
C ILE D 122 13.95 34.22 2.99
N LEU D 123 14.47 33.71 1.87
CA LEU D 123 15.77 33.03 1.89
C LEU D 123 16.91 34.02 2.07
N THR D 124 16.72 35.27 1.64
CA THR D 124 17.73 36.32 1.78
C THR D 124 17.43 37.23 2.96
N ALA D 125 16.69 36.69 3.94
CA ALA D 125 16.29 37.45 5.12
C ALA D 125 16.97 36.87 6.35
N GLU D 126 17.40 37.76 7.24
CA GLU D 126 18.15 37.37 8.43
C GLU D 126 17.34 37.43 9.71
N SER D 127 16.39 38.34 9.81
CA SER D 127 15.58 38.53 11.01
C SER D 127 14.12 38.65 10.60
N PRO D 128 13.20 38.23 11.47
CA PRO D 128 11.77 38.51 11.20
C PRO D 128 11.43 39.99 11.19
N GLN D 129 12.18 40.82 11.92
CA GLN D 129 11.90 42.26 11.97
C GLN D 129 12.14 42.91 10.61
N LEU D 130 13.21 42.51 9.92
CA LEU D 130 13.46 43.01 8.57
C LEU D 130 12.63 42.29 7.52
N LEU D 131 11.88 41.26 7.91
CA LEU D 131 11.04 40.50 6.99
C LEU D 131 9.58 40.98 7.01
N ILE D 132 9.07 41.37 8.19
CA ILE D 132 7.68 41.76 8.31
C ILE D 132 7.41 43.08 7.57
N ASP D 133 8.38 43.99 7.56
CA ASP D 133 8.25 45.22 6.81
C ASP D 133 8.70 45.08 5.37
N ARG D 134 9.32 43.95 5.01
CA ARG D 134 9.73 43.72 3.63
C ARG D 134 8.53 43.40 2.75
N LEU D 135 7.52 42.72 3.29
CA LEU D 135 6.34 42.40 2.49
C LEU D 135 5.53 43.63 2.14
N SER D 136 5.58 44.66 2.99
CA SER D 136 4.81 45.88 2.74
C SER D 136 5.32 46.63 1.52
N VAL D 137 6.62 46.57 1.26
CA VAL D 137 7.14 47.14 0.02
C VAL D 137 7.19 46.11 -1.10
N GLN D 138 7.24 44.81 -0.79
CA GLN D 138 7.25 43.78 -1.82
C GLN D 138 5.91 43.71 -2.55
N ARG D 139 4.80 43.83 -1.81
CA ARG D 139 3.48 43.75 -2.43
C ARG D 139 3.19 44.95 -3.32
N VAL D 140 3.73 46.12 -2.96
CA VAL D 140 3.51 47.30 -3.79
C VAL D 140 4.53 47.37 -4.91
N MET D 141 5.69 46.71 -4.74
CA MET D 141 6.67 46.68 -5.81
C MET D 141 6.29 45.66 -6.88
N ALA D 142 5.67 44.55 -6.47
CA ALA D 142 5.22 43.54 -7.42
C ALA D 142 4.08 44.03 -8.30
N HIS D 143 3.36 45.07 -7.88
CA HIS D 143 2.38 45.71 -8.74
C HIS D 143 3.02 46.59 -9.79
N GLN D 144 4.26 47.05 -9.57
CA GLN D 144 4.87 48.05 -10.45
C GLN D 144 5.19 47.48 -11.82
N MET D 145 5.87 46.32 -11.87
CA MET D 145 6.13 45.75 -13.20
C MET D 145 4.89 45.11 -13.81
N SER D 146 3.87 44.77 -13.01
CA SER D 146 2.60 44.35 -13.58
C SER D 146 1.92 45.50 -14.32
N THR D 147 1.94 46.70 -13.71
CA THR D 147 1.46 47.90 -14.40
C THR D 147 2.34 48.24 -15.60
N GLN D 148 3.66 47.98 -15.50
CA GLN D 148 4.56 48.21 -16.63
C GLN D 148 4.23 47.29 -17.80
N MET D 149 3.95 46.01 -17.53
CA MET D 149 3.59 45.09 -18.60
C MET D 149 2.22 45.41 -19.18
N ALA D 150 1.28 45.85 -18.33
CA ALA D 150 -0.03 46.26 -18.84
C ALA D 150 0.07 47.49 -19.74
N ARG D 151 0.87 48.48 -19.33
CA ARG D 151 1.09 49.66 -20.15
C ARG D 151 1.87 49.32 -21.41
N PHE D 152 2.78 48.34 -21.33
CA PHE D 152 3.52 47.88 -22.49
C PHE D 152 2.61 47.23 -23.52
N LYS D 153 1.69 46.38 -23.04
CA LYS D 153 0.73 45.75 -23.95
C LYS D 153 -0.22 46.77 -24.55
N ALA D 154 -0.65 47.76 -23.76
CA ALA D 154 -1.50 48.83 -24.27
C ALA D 154 -0.78 49.66 -25.31
N ALA D 155 0.51 49.96 -25.08
CA ALA D 155 1.29 50.75 -26.03
C ALA D 155 1.57 49.95 -27.30
N GLY D 156 1.75 48.63 -27.17
CA GLY D 156 1.91 47.80 -28.36
C GLY D 156 0.64 47.73 -29.20
N GLU D 157 -0.51 47.61 -28.54
CA GLU D 157 -1.79 47.63 -29.26
C GLU D 157 -2.03 48.99 -29.91
N GLN D 158 -1.67 50.07 -29.21
CA GLN D 158 -1.83 51.40 -29.79
C GLN D 158 -0.88 51.62 -30.97
N ALA D 159 0.32 51.05 -30.89
CA ALA D 159 1.27 51.15 -32.00
C ALA D 159 0.80 50.35 -33.21
N VAL D 160 0.20 49.18 -32.97
CA VAL D 160 -0.35 48.39 -34.07
C VAL D 160 -1.54 49.11 -34.71
N LYS D 161 -2.38 49.74 -33.89
CA LYS D 161 -3.51 50.52 -34.40
C LYS D 161 -3.03 51.73 -35.19
N ALA D 162 -1.96 52.39 -34.71
CA ALA D 162 -1.41 53.54 -35.43
C ALA D 162 -0.77 53.11 -36.74
N GLU D 163 -0.12 51.94 -36.77
CA GLU D 163 0.45 51.43 -38.01
C GLU D 163 -0.64 51.07 -39.02
N GLN D 164 -1.74 50.47 -38.54
CA GLN D 164 -2.87 50.16 -39.42
C GLN D 164 -3.52 51.44 -39.96
N ALA D 165 -3.66 52.46 -39.10
CA ALA D 165 -4.21 53.73 -39.53
C ALA D 165 -3.30 54.43 -40.53
N ALA D 166 -1.98 54.34 -40.33
CA ALA D 166 -1.04 54.93 -41.27
C ALA D 166 -1.07 54.22 -42.62
N ALA D 167 -1.20 52.89 -42.61
CA ALA D 167 -1.29 52.14 -43.86
C ALA D 167 -2.60 52.46 -44.60
N LYS D 168 -3.71 52.55 -43.86
CA LYS D 168 -4.99 52.91 -44.47
C LYS D 168 -4.96 54.34 -45.02
N SER D 169 -4.28 55.25 -44.31
CA SER D 169 -4.18 56.63 -44.79
C SER D 169 -3.27 56.72 -46.01
N ALA D 170 -2.21 55.90 -46.07
CA ALA D 170 -1.35 55.87 -47.25
C ALA D 170 -2.11 55.33 -48.46
N ALA D 171 -2.94 54.29 -48.26
CA ALA D 171 -3.77 53.78 -49.34
C ALA D 171 -4.80 54.82 -49.78
N ASP D 172 -5.40 55.54 -48.83
CA ASP D 172 -6.36 56.59 -49.16
C ASP D 172 -5.71 57.74 -49.91
N ALA D 173 -4.49 58.12 -49.52
CA ALA D 173 -3.78 59.19 -50.21
C ALA D 173 -3.36 58.76 -51.62
N ARG D 174 -2.97 57.49 -51.78
CA ARG D 174 -2.65 56.98 -53.11
C ARG D 174 -3.88 56.95 -54.00
N SER D 175 -5.03 56.54 -53.46
CA SER D 175 -6.26 56.54 -54.24
C SER D 175 -6.70 57.96 -54.59
N ALA D 176 -6.54 58.91 -53.66
CA ALA D 176 -6.90 60.29 -53.91
C ALA D 176 -6.01 60.91 -54.98
N ALA D 177 -4.70 60.62 -54.94
CA ALA D 177 -3.79 61.09 -55.97
C ALA D 177 -4.11 60.46 -57.32
N GLU D 178 -4.48 59.18 -57.32
CA GLU D 178 -4.81 58.48 -58.56
C GLU D 178 -6.08 59.04 -59.20
N GLN D 179 -7.10 59.35 -58.40
CA GLN D 179 -8.31 59.92 -58.98
C GLN D 179 -8.11 61.40 -59.34
N ALA D 180 -7.25 62.11 -58.61
CA ALA D 180 -7.02 63.51 -58.94
C ALA D 180 -6.16 63.68 -60.18
N ALA D 181 -5.29 62.70 -60.47
CA ALA D 181 -4.48 62.77 -61.69
C ALA D 181 -5.35 62.62 -62.94
N ALA D 182 -6.41 61.83 -62.85
CA ALA D 182 -7.33 61.67 -63.96
C ALA D 182 -8.13 62.93 -64.25
N VAL D 183 -8.30 63.81 -63.26
CA VAL D 183 -9.02 65.06 -63.49
C VAL D 183 -8.20 66.00 -64.37
N ARG D 184 -6.90 66.14 -64.09
CA ARG D 184 -6.04 66.97 -64.91
C ARG D 184 -5.44 66.23 -66.09
N ALA D 185 -5.72 64.94 -66.24
CA ALA D 185 -5.22 64.22 -67.42
C ALA D 185 -5.94 64.65 -68.70
N ASN D 186 -7.27 64.75 -68.66
CA ASN D 186 -8.05 65.05 -69.84
C ASN D 186 -8.31 66.54 -70.04
N LEU D 187 -7.83 67.40 -69.13
CA LEU D 187 -8.01 68.83 -69.29
C LEU D 187 -7.22 69.40 -70.46
N GLN D 188 -6.16 68.72 -70.89
CA GLN D 188 -5.34 69.20 -72.01
C GLN D 188 -6.15 69.25 -73.31
N HIS D 189 -7.06 68.29 -73.49
CA HIS D 189 -7.98 68.34 -74.62
C HIS D 189 -9.36 68.89 -74.25
N LYS D 190 -9.68 68.99 -72.96
CA LYS D 190 -10.95 69.60 -72.57
C LYS D 190 -10.91 71.12 -72.72
N GLN D 191 -9.81 71.75 -72.31
CA GLN D 191 -9.72 73.20 -72.32
C GLN D 191 -9.01 73.74 -73.56
N SER D 192 -8.71 72.88 -74.54
CA SER D 192 -8.19 73.33 -75.82
C SER D 192 -9.29 73.76 -76.78
N GLN D 193 -10.55 73.65 -76.36
CA GLN D 193 -11.67 74.09 -77.19
C GLN D 193 -11.75 75.60 -77.35
N LEU D 194 -11.21 76.35 -76.38
CA LEU D 194 -11.20 77.81 -76.49
C LEU D 194 -10.31 78.28 -77.64
N GLN D 195 -9.20 77.58 -77.87
CA GLN D 195 -8.37 77.85 -79.04
C GLN D 195 -9.13 77.57 -80.34
N VAL D 196 -9.95 76.52 -80.35
CA VAL D 196 -10.78 76.22 -81.52
C VAL D 196 -11.81 77.33 -81.74
N GLN D 197 -12.40 77.84 -80.66
CA GLN D 197 -13.37 78.93 -80.76
C GLN D 197 -12.72 80.21 -81.29
N ILE D 198 -11.50 80.52 -80.81
CA ILE D 198 -10.79 81.70 -81.29
C ILE D 198 -10.39 81.52 -82.75
N ALA D 199 -10.01 80.30 -83.14
CA ALA D 199 -9.63 80.04 -84.53
C ALA D 199 -10.81 80.13 -85.48
N VAL D 200 -12.00 79.68 -85.05
CA VAL D 200 -13.18 79.78 -85.91
C VAL D 200 -13.91 81.10 -85.77
N VAL D 201 -13.51 81.96 -84.82
CA VAL D 201 -14.11 83.28 -84.73
C VAL D 201 -13.74 84.13 -85.94
N LYS D 202 -12.50 84.02 -86.42
CA LYS D 202 -12.06 84.79 -87.57
C LYS D 202 -12.64 84.25 -88.88
N SER D 203 -12.95 82.96 -88.94
CA SER D 203 -13.48 82.34 -90.15
C SER D 203 -15.00 82.27 -90.15
N GLN D 204 -15.67 82.85 -89.15
CA GLN D 204 -17.12 82.81 -89.05
C GLN D 204 -17.79 83.90 -89.87
N TYR D 205 -17.03 84.77 -90.51
CA TYR D 205 -17.62 85.82 -91.34
C TYR D 205 -18.18 85.23 -92.62
N VAL D 206 -19.44 85.55 -92.93
CA VAL D 206 -20.09 85.03 -94.12
C VAL D 206 -19.66 85.85 -95.32
N ALA D 207 -19.07 85.18 -96.31
CA ALA D 207 -18.56 85.77 -97.57
C ALA D 207 -17.58 86.91 -97.32
N LEU D 208 -16.73 86.73 -96.29
CA LEU D 208 -15.77 87.72 -95.81
C LEU D 208 -16.45 89.04 -95.46
N THR D 209 -17.35 88.96 -94.47
CA THR D 209 -18.23 90.06 -94.01
C THR D 209 -19.04 90.68 -95.15
N MET E 1 -35.69 -33.16 35.39
CA MET E 1 -34.68 -33.38 36.42
C MET E 1 -33.64 -34.42 36.01
N MET E 2 -34.03 -35.31 35.11
CA MET E 2 -33.16 -36.39 34.68
C MET E 2 -32.35 -35.86 33.50
N ILE E 3 -31.10 -36.31 33.39
CA ILE E 3 -30.15 -35.76 32.43
C ILE E 3 -30.28 -36.59 31.15
N THR E 4 -31.12 -36.12 30.24
CA THR E 4 -31.30 -36.75 28.94
C THR E 4 -31.88 -35.74 27.96
N LEU E 5 -31.83 -36.08 26.68
CA LEU E 5 -32.40 -35.28 25.61
C LEU E 5 -33.19 -36.18 24.66
N ASP E 6 -34.13 -35.58 23.94
CA ASP E 6 -34.99 -36.33 23.04
C ASP E 6 -35.58 -35.39 21.99
N HIS E 7 -36.19 -36.01 20.97
CA HIS E 7 -37.00 -35.34 19.94
C HIS E 7 -36.19 -34.31 19.15
N VAL E 8 -34.93 -34.61 18.89
CA VAL E 8 -34.03 -33.64 18.28
C VAL E 8 -33.93 -33.89 16.78
N THR E 9 -33.40 -32.90 16.07
CA THR E 9 -33.17 -32.99 14.63
C THR E 9 -32.07 -31.99 14.26
N LYS E 10 -31.58 -32.11 13.03
CA LYS E 10 -30.57 -31.19 12.53
C LYS E 10 -30.68 -31.16 11.01
N GLN E 11 -31.11 -30.02 10.46
CA GLN E 11 -31.37 -29.89 9.04
C GLN E 11 -30.25 -29.20 8.26
N TYR E 12 -29.45 -28.36 8.93
CA TYR E 12 -28.40 -27.52 8.35
C TYR E 12 -28.93 -26.67 7.20
N LYS E 13 -28.55 -27.02 5.98
CA LYS E 13 -29.08 -26.40 4.76
C LYS E 13 -29.90 -27.38 3.93
N SER E 14 -29.32 -28.52 3.60
CA SER E 14 -30.04 -29.60 2.94
C SER E 14 -30.42 -30.64 3.98
N SER E 15 -31.71 -30.95 4.07
CA SER E 15 -32.22 -31.84 5.11
C SER E 15 -31.80 -33.28 4.84
N ALA E 16 -32.28 -33.85 3.73
CA ALA E 16 -32.11 -35.26 3.34
C ALA E 16 -32.57 -36.18 4.47
N ARG E 17 -31.62 -36.63 5.28
CA ARG E 17 -31.93 -37.30 6.55
C ARG E 17 -31.61 -36.31 7.66
N PRO E 18 -32.62 -35.69 8.28
CA PRO E 18 -32.37 -34.60 9.25
C PRO E 18 -31.95 -35.11 10.63
N ALA E 19 -30.78 -35.76 10.68
CA ALA E 19 -30.19 -36.39 11.85
C ALA E 19 -31.14 -37.39 12.48
N LEU E 20 -31.88 -36.95 13.50
CA LEU E 20 -32.88 -37.79 14.15
C LEU E 20 -34.27 -37.26 13.83
N ASP E 21 -35.25 -38.15 13.87
CA ASP E 21 -36.63 -37.81 13.53
C ASP E 21 -37.53 -37.78 14.76
N ASP E 22 -37.57 -38.88 15.53
CA ASP E 22 -38.37 -38.93 16.76
C ASP E 22 -37.67 -39.92 17.69
N ILE E 23 -36.85 -39.41 18.61
CA ILE E 23 -36.15 -40.24 19.56
C ILE E 23 -36.67 -39.92 20.96
N ASN E 24 -36.54 -40.91 21.84
CA ASN E 24 -36.90 -40.78 23.25
C ASN E 24 -35.85 -41.42 24.13
N VAL E 25 -34.58 -41.15 23.82
CA VAL E 25 -33.47 -41.82 24.49
C VAL E 25 -33.29 -41.23 25.90
N LYS E 26 -33.15 -42.12 26.88
CA LYS E 26 -32.93 -41.73 28.26
C LYS E 26 -31.71 -42.48 28.79
N ILE E 27 -30.86 -41.77 29.53
CA ILE E 27 -29.64 -42.33 30.10
C ILE E 27 -29.66 -42.05 31.60
N ASP E 28 -29.21 -43.02 32.39
CA ASP E 28 -29.17 -42.89 33.83
C ASP E 28 -27.74 -42.60 34.32
N LYS E 29 -27.62 -42.41 35.62
CA LYS E 29 -26.33 -42.12 36.23
C LYS E 29 -25.45 -43.36 36.24
N GLY E 30 -24.19 -43.19 35.84
CA GLY E 30 -23.20 -44.26 35.88
C GLY E 30 -23.43 -45.44 34.96
N GLU E 31 -23.78 -45.17 33.70
CA GLU E 31 -24.03 -46.22 32.72
C GLU E 31 -22.92 -46.25 31.67
N PHE E 32 -22.63 -47.46 31.18
CA PHE E 32 -21.64 -47.70 30.13
C PHE E 32 -22.40 -48.12 28.88
N VAL E 33 -22.57 -47.18 27.95
CA VAL E 33 -23.37 -47.42 26.76
C VAL E 33 -22.50 -47.25 25.51
N PHE E 34 -22.95 -47.89 24.43
CA PHE E 34 -22.33 -47.79 23.13
C PHE E 34 -23.24 -46.95 22.22
N LEU E 35 -22.84 -46.85 20.94
CA LEU E 35 -23.68 -46.17 19.96
C LEU E 35 -23.38 -46.78 18.60
N ILE E 36 -24.21 -47.72 18.17
CA ILE E 36 -24.12 -48.31 16.84
C ILE E 36 -24.67 -47.31 15.83
N GLY E 37 -23.88 -46.99 14.82
CA GLY E 37 -24.32 -46.08 13.79
C GLY E 37 -23.55 -46.24 12.49
N PRO E 38 -24.27 -46.29 11.38
CA PRO E 38 -23.62 -46.20 10.07
C PRO E 38 -22.97 -44.83 9.87
N SER E 39 -21.92 -44.81 9.05
CA SER E 39 -21.14 -43.60 8.84
C SER E 39 -21.91 -42.52 8.07
N GLY E 40 -22.91 -42.92 7.28
CA GLY E 40 -23.75 -41.97 6.59
C GLY E 40 -24.98 -41.56 7.35
N SER E 41 -25.14 -42.01 8.60
CA SER E 41 -26.31 -41.71 9.41
C SER E 41 -26.17 -40.41 10.20
N GLY E 42 -25.04 -40.22 10.86
CA GLY E 42 -24.85 -39.05 11.70
C GLY E 42 -24.83 -39.38 13.16
N LYS E 43 -23.63 -39.45 13.73
CA LYS E 43 -23.48 -39.65 15.17
C LYS E 43 -22.79 -38.49 15.86
N SER E 44 -21.80 -37.85 15.22
CA SER E 44 -21.04 -36.78 15.85
C SER E 44 -21.89 -35.53 16.07
N THR E 45 -22.96 -35.38 15.29
CA THR E 45 -23.93 -34.32 15.54
C THR E 45 -24.68 -34.54 16.86
N PHE E 46 -24.91 -35.80 17.23
CA PHE E 46 -25.60 -36.08 18.49
C PHE E 46 -24.67 -35.74 19.67
N MET E 47 -23.38 -36.07 19.55
CA MET E 47 -22.43 -35.63 20.57
C MET E 47 -22.21 -34.12 20.53
N ARG E 48 -22.34 -33.49 19.35
CA ARG E 48 -22.20 -32.05 19.27
C ARG E 48 -23.37 -31.34 19.94
N LEU E 49 -24.57 -31.93 19.86
CA LEU E 49 -25.73 -31.35 20.53
C LEU E 49 -25.63 -31.47 22.05
N LEU E 50 -24.90 -32.47 22.54
CA LEU E 50 -24.63 -32.55 23.97
C LEU E 50 -23.67 -31.46 24.43
N LEU E 51 -22.74 -31.07 23.57
CA LEU E 51 -21.82 -29.97 23.87
C LEU E 51 -22.38 -28.61 23.50
N ALA E 52 -23.58 -28.59 22.89
CA ALA E 52 -24.30 -27.37 22.47
C ALA E 52 -23.47 -26.51 21.53
N ALA E 53 -22.67 -27.15 20.67
CA ALA E 53 -21.94 -26.44 19.64
C ALA E 53 -22.77 -26.30 18.36
N GLU E 54 -23.91 -26.97 18.30
CA GLU E 54 -24.87 -26.82 17.21
C GLU E 54 -26.26 -26.68 17.80
N THR E 55 -27.02 -25.72 17.30
CA THR E 55 -28.37 -25.50 17.77
C THR E 55 -29.29 -26.61 17.29
N PRO E 56 -30.10 -27.23 18.16
CA PRO E 56 -31.01 -28.28 17.71
C PRO E 56 -32.15 -27.71 16.88
N THR E 57 -32.54 -28.48 15.86
CA THR E 57 -33.69 -28.08 15.05
C THR E 57 -35.01 -28.35 15.76
N SER E 58 -35.00 -29.25 16.75
CA SER E 58 -36.20 -29.60 17.49
C SER E 58 -35.78 -30.16 18.84
N GLY E 59 -36.76 -30.29 19.72
CA GLY E 59 -36.52 -30.92 21.02
C GLY E 59 -35.78 -30.02 21.98
N ASP E 60 -35.30 -30.65 23.06
CA ASP E 60 -34.59 -29.95 24.13
C ASP E 60 -33.40 -30.77 24.60
N VAL E 61 -32.27 -30.10 24.78
CA VAL E 61 -31.11 -30.72 25.41
C VAL E 61 -31.07 -30.33 26.88
N ARG E 62 -30.78 -31.31 27.74
CA ARG E 62 -30.86 -31.10 29.19
C ARG E 62 -29.97 -32.13 29.88
N VAL E 63 -28.83 -31.67 30.42
CA VAL E 63 -27.96 -32.53 31.21
C VAL E 63 -27.62 -31.82 32.52
N SER E 64 -27.91 -32.49 33.64
CA SER E 64 -27.61 -32.09 35.03
C SER E 64 -28.20 -30.74 35.44
N LYS E 65 -29.09 -30.15 34.64
CA LYS E 65 -29.44 -28.74 34.77
C LYS E 65 -30.88 -28.58 34.28
N PHE E 66 -31.27 -27.35 33.98
CA PHE E 66 -32.57 -27.05 33.40
C PHE E 66 -32.50 -27.23 31.88
N HIS E 67 -33.50 -26.69 31.18
CA HIS E 67 -33.55 -26.81 29.73
C HIS E 67 -32.49 -25.94 29.08
N VAL E 68 -31.65 -26.57 28.26
CA VAL E 68 -30.53 -25.90 27.62
C VAL E 68 -30.76 -25.71 26.12
N ASN E 69 -32.01 -25.87 25.67
CA ASN E 69 -32.34 -25.58 24.28
C ASN E 69 -32.25 -24.10 23.99
N LYS E 70 -32.67 -23.27 24.94
CA LYS E 70 -32.60 -21.81 24.86
C LYS E 70 -31.53 -21.29 25.80
N LEU E 71 -30.42 -22.00 25.87
CA LEU E 71 -29.35 -21.68 26.82
C LEU E 71 -28.63 -20.40 26.41
N ARG E 72 -28.45 -19.50 27.38
CA ARG E 72 -27.69 -18.27 27.16
C ARG E 72 -26.21 -18.58 26.95
N GLY E 73 -25.58 -17.78 26.09
CA GLY E 73 -24.16 -17.95 25.80
C GLY E 73 -23.26 -17.66 26.97
N ARG E 74 -23.72 -16.87 27.95
CA ARG E 74 -22.95 -16.65 29.17
C ARG E 74 -22.93 -17.90 30.04
N HIS E 75 -23.99 -18.70 30.00
CA HIS E 75 -24.07 -19.93 30.78
C HIS E 75 -23.58 -21.15 30.02
N VAL E 76 -23.16 -20.98 28.76
CA VAL E 76 -22.48 -22.05 28.03
C VAL E 76 -21.12 -22.44 28.66
N PRO E 77 -20.19 -21.52 29.01
CA PRO E 77 -18.91 -22.01 29.55
C PRO E 77 -19.00 -22.56 30.97
N LYS E 78 -20.04 -22.26 31.73
CA LYS E 78 -20.19 -22.90 33.04
C LYS E 78 -20.79 -24.30 32.94
N LEU E 79 -21.22 -24.71 31.75
CA LEU E 79 -21.65 -26.07 31.51
C LEU E 79 -20.50 -27.04 31.28
N ARG E 80 -19.50 -26.65 30.49
CA ARG E 80 -18.51 -27.57 29.94
C ARG E 80 -17.46 -28.03 30.95
N GLN E 81 -17.53 -27.61 32.21
CA GLN E 81 -16.61 -28.18 33.18
C GLN E 81 -17.00 -29.61 33.57
N VAL E 82 -18.29 -29.91 33.59
CA VAL E 82 -18.75 -31.24 34.01
C VAL E 82 -19.02 -32.12 32.81
N ILE E 83 -18.60 -31.66 31.63
CA ILE E 83 -18.62 -32.45 30.40
C ILE E 83 -17.22 -32.46 29.80
N GLY E 84 -16.63 -33.66 29.68
CA GLY E 84 -15.38 -33.84 28.98
C GLY E 84 -15.55 -34.77 27.80
N CYS E 85 -14.75 -34.54 26.75
CA CYS E 85 -14.90 -35.30 25.51
C CYS E 85 -13.53 -35.64 24.94
N VAL E 86 -13.49 -36.71 24.16
CA VAL E 86 -12.28 -37.14 23.45
C VAL E 86 -12.61 -37.33 21.97
N PHE E 87 -11.60 -37.19 21.13
CA PHE E 87 -11.70 -37.27 19.68
C PHE E 87 -10.86 -38.43 19.13
N GLN E 88 -10.76 -38.48 17.81
CA GLN E 88 -10.02 -39.55 17.14
C GLN E 88 -8.51 -39.30 17.20
N ASP E 89 -8.04 -38.20 16.60
CA ASP E 89 -6.60 -37.99 16.46
C ASP E 89 -6.02 -37.21 17.64
N PHE E 90 -6.41 -37.62 18.84
CA PHE E 90 -5.74 -37.43 20.13
C PHE E 90 -5.68 -36.00 20.67
N ARG E 91 -5.90 -35.00 19.81
CA ARG E 91 -5.85 -33.56 20.11
C ARG E 91 -4.70 -33.16 21.04
N LEU E 92 -3.48 -33.46 20.60
CA LEU E 92 -2.30 -33.29 21.43
C LEU E 92 -1.38 -32.22 20.86
N LEU E 93 -0.94 -31.31 21.73
CA LEU E 93 0.04 -30.29 21.39
C LEU E 93 1.44 -30.87 21.54
N GLN E 94 2.18 -30.90 20.44
CA GLN E 94 3.50 -31.53 20.44
C GLN E 94 4.56 -30.72 21.18
N GLN E 95 4.36 -29.41 21.32
CA GLN E 95 5.39 -28.56 21.93
C GLN E 95 5.43 -28.73 23.45
N LYS E 96 4.29 -29.01 24.08
CA LYS E 96 4.22 -29.13 25.52
C LYS E 96 4.62 -30.53 25.96
N THR E 97 4.87 -30.67 27.26
CA THR E 97 5.29 -31.94 27.81
C THR E 97 4.08 -32.83 28.09
N VAL E 98 4.36 -34.05 28.53
CA VAL E 98 3.29 -34.98 28.89
C VAL E 98 2.56 -34.49 30.14
N TYR E 99 3.32 -33.99 31.13
CA TYR E 99 2.69 -33.42 32.32
C TYR E 99 2.08 -32.05 32.03
N ASP E 100 2.51 -31.37 30.98
CA ASP E 100 1.98 -30.05 30.67
C ASP E 100 0.57 -30.14 30.09
N ASN E 101 0.33 -31.13 29.23
CA ASN E 101 -0.98 -31.28 28.60
C ASN E 101 -2.05 -31.67 29.62
N VAL E 102 -1.72 -32.56 30.56
CA VAL E 102 -2.70 -32.98 31.54
C VAL E 102 -2.93 -31.88 32.58
N ALA E 103 -1.94 -31.01 32.79
CA ALA E 103 -2.10 -29.87 33.68
C ALA E 103 -2.54 -28.62 32.94
N PHE E 104 -3.10 -28.76 31.74
CA PHE E 104 -3.55 -27.63 30.94
C PHE E 104 -5.04 -27.36 31.07
N ALA E 105 -5.85 -28.42 31.19
CA ALA E 105 -7.29 -28.24 31.25
C ALA E 105 -7.73 -27.64 32.59
N LEU E 106 -7.16 -28.12 33.69
CA LEU E 106 -7.54 -27.59 35.00
C LEU E 106 -6.93 -26.20 35.23
N GLU E 107 -5.82 -25.89 34.54
CA GLU E 107 -5.16 -24.60 34.71
C GLU E 107 -5.99 -23.46 34.14
N VAL E 108 -6.69 -23.70 33.03
CA VAL E 108 -7.37 -22.60 32.37
C VAL E 108 -8.74 -22.33 33.00
N ILE E 109 -9.26 -23.30 33.76
CA ILE E 109 -10.52 -23.09 34.48
C ILE E 109 -10.34 -22.03 35.56
N GLY E 110 -9.23 -22.09 36.29
CA GLY E 110 -8.88 -21.04 37.22
C GLY E 110 -9.12 -21.38 38.68
N LYS E 111 -8.04 -21.69 39.39
CA LYS E 111 -8.07 -21.94 40.82
C LYS E 111 -6.67 -21.71 41.38
N ARG E 112 -6.45 -22.16 42.61
CA ARG E 112 -5.16 -22.02 43.26
C ARG E 112 -4.10 -22.88 42.56
N THR E 113 -2.88 -22.34 42.49
CA THR E 113 -1.80 -23.03 41.79
C THR E 113 -1.32 -24.26 42.56
N ASP E 114 -1.49 -24.28 43.88
CA ASP E 114 -1.08 -25.42 44.67
C ASP E 114 -2.00 -26.62 44.46
N ALA E 115 -3.27 -26.38 44.15
CA ALA E 115 -4.20 -27.47 43.90
C ALA E 115 -4.10 -28.02 42.48
N ILE E 116 -3.30 -27.39 41.61
CA ILE E 116 -3.17 -27.86 40.23
C ILE E 116 -2.38 -29.17 40.18
N ASN E 117 -1.22 -29.20 40.82
CA ASN E 117 -0.34 -30.36 40.79
C ASN E 117 -0.71 -31.44 41.81
N ARG E 118 -1.68 -31.17 42.68
CA ARG E 118 -2.09 -32.16 43.67
C ARG E 118 -2.89 -33.30 43.06
N VAL E 119 -3.44 -33.12 41.86
CA VAL E 119 -4.26 -34.14 41.23
C VAL E 119 -3.63 -34.70 39.96
N VAL E 120 -2.51 -34.14 39.50
CA VAL E 120 -1.84 -34.67 38.31
C VAL E 120 -1.31 -36.10 38.52
N PRO E 121 -0.56 -36.42 39.60
CA PRO E 121 -0.23 -37.84 39.80
C PRO E 121 -1.41 -38.67 40.28
N GLU E 122 -2.43 -38.02 40.83
CA GLU E 122 -3.60 -38.76 41.32
C GLU E 122 -4.44 -39.31 40.18
N VAL E 123 -4.35 -38.71 39.00
CA VAL E 123 -5.09 -39.21 37.84
C VAL E 123 -4.10 -39.87 36.88
N LEU E 124 -2.81 -39.52 37.03
CA LEU E 124 -1.80 -40.11 36.15
C LEU E 124 -1.50 -41.55 36.55
N GLU E 125 -1.63 -41.87 37.84
CA GLU E 125 -1.45 -43.25 38.27
C GLU E 125 -2.66 -44.12 37.95
N THR E 126 -3.86 -43.54 37.91
CA THR E 126 -5.06 -44.31 37.59
C THR E 126 -5.14 -44.69 36.12
N VAL E 127 -4.52 -43.92 35.24
CA VAL E 127 -4.51 -44.22 33.81
C VAL E 127 -3.30 -45.05 33.42
N GLY E 128 -2.47 -45.45 34.38
CA GLY E 128 -1.29 -46.25 34.10
C GLY E 128 -0.24 -45.54 33.29
N LEU E 129 -0.10 -44.22 33.48
CA LEU E 129 0.86 -43.44 32.73
C LEU E 129 1.79 -42.68 33.68
N SER E 130 1.83 -43.06 34.95
CA SER E 130 2.74 -42.46 35.93
C SER E 130 4.16 -42.97 35.67
N GLY E 131 4.76 -42.40 34.62
CA GLY E 131 6.06 -42.81 34.14
C GLY E 131 6.30 -42.24 32.76
N LYS E 132 7.53 -41.75 32.52
CA LYS E 132 7.88 -40.96 31.34
C LYS E 132 6.94 -39.77 31.17
N ALA E 133 6.64 -39.09 32.28
CA ALA E 133 5.65 -38.03 32.33
C ALA E 133 6.24 -36.66 31.98
N ASN E 134 7.53 -36.61 31.66
CA ASN E 134 8.17 -35.38 31.24
C ASN E 134 8.64 -35.46 29.79
N ARG E 135 8.15 -36.43 29.04
CA ARG E 135 8.55 -36.65 27.66
C ARG E 135 7.59 -35.94 26.71
N LEU E 136 8.11 -35.62 25.52
CA LEU E 136 7.27 -35.07 24.47
C LEU E 136 6.30 -36.14 23.96
N PRO E 137 5.08 -35.75 23.57
CA PRO E 137 4.13 -36.74 23.03
C PRO E 137 4.57 -37.35 21.71
N ASP E 138 5.43 -36.68 20.94
CA ASP E 138 6.01 -37.29 19.75
C ASP E 138 6.97 -38.41 20.13
N GLU E 139 7.68 -38.26 21.25
CA GLU E 139 8.53 -39.33 21.75
C GLU E 139 7.71 -40.51 22.25
N LEU E 140 6.50 -40.26 22.74
CA LEU E 140 5.61 -41.33 23.13
C LEU E 140 5.06 -42.05 21.90
N SER E 141 4.85 -43.36 22.05
CA SER E 141 4.31 -44.15 20.96
C SER E 141 2.81 -43.95 20.84
N GLY E 142 2.23 -44.47 19.76
CA GLY E 142 0.83 -44.28 19.47
C GLY E 142 -0.15 -44.99 20.37
N GLY E 143 0.32 -45.96 21.16
CA GLY E 143 -0.57 -46.70 22.04
C GLY E 143 -0.98 -45.98 23.31
N GLU E 144 -0.36 -44.84 23.61
CA GLU E 144 -0.68 -44.08 24.82
C GLU E 144 -0.99 -42.62 24.55
N GLN E 145 -1.22 -42.25 23.28
CA GLN E 145 -1.66 -40.89 22.97
C GLN E 145 -3.04 -40.60 23.54
N GLN E 146 -3.94 -41.58 23.51
CA GLN E 146 -5.22 -41.44 24.18
C GLN E 146 -5.13 -41.56 25.69
N ARG E 147 -4.12 -42.25 26.22
CA ARG E 147 -4.00 -42.42 27.66
C ARG E 147 -3.63 -41.13 28.37
N VAL E 148 -3.13 -40.12 27.66
CA VAL E 148 -3.01 -38.79 28.23
C VAL E 148 -4.24 -37.95 27.90
N ALA E 149 -4.94 -38.27 26.81
CA ALA E 149 -6.14 -37.52 26.44
C ALA E 149 -7.29 -37.81 27.40
N ILE E 150 -7.44 -39.08 27.82
CA ILE E 150 -8.50 -39.43 28.76
C ILE E 150 -8.23 -38.82 30.13
N ALA E 151 -6.96 -38.81 30.56
CA ALA E 151 -6.59 -38.18 31.82
C ALA E 151 -6.77 -36.66 31.75
N ARG E 152 -6.52 -36.06 30.58
CA ARG E 152 -6.81 -34.65 30.38
C ARG E 152 -8.31 -34.39 30.45
N ALA E 153 -9.11 -35.32 29.93
CA ALA E 153 -10.55 -35.25 30.03
C ALA E 153 -11.06 -35.52 31.44
N PHE E 154 -10.24 -36.09 32.32
CA PHE E 154 -10.65 -36.40 33.69
C PHE E 154 -9.74 -35.69 34.70
N VAL E 155 -9.48 -34.39 34.49
CA VAL E 155 -8.72 -33.62 35.46
C VAL E 155 -9.58 -33.07 36.57
N ASN E 156 -10.90 -33.19 36.45
CA ASN E 156 -11.85 -32.63 37.41
C ASN E 156 -12.82 -33.71 37.85
N ARG E 157 -13.92 -33.33 38.46
CA ARG E 157 -15.00 -34.28 38.76
C ARG E 157 -16.19 -34.03 37.85
N PRO E 158 -16.20 -34.52 36.61
CA PRO E 158 -17.33 -34.24 35.71
C PRO E 158 -18.46 -35.24 35.92
N LEU E 159 -19.57 -35.02 35.23
CA LEU E 159 -20.68 -35.96 35.30
C LEU E 159 -20.62 -37.00 34.20
N VAL E 160 -20.44 -36.60 32.94
CA VAL E 160 -20.50 -37.49 31.79
C VAL E 160 -19.14 -37.48 31.11
N LEU E 161 -18.74 -38.64 30.56
CA LEU E 161 -17.54 -38.80 29.74
C LEU E 161 -18.00 -39.37 28.41
N LEU E 162 -18.44 -38.50 27.50
CA LEU E 162 -18.81 -38.96 26.17
C LEU E 162 -17.56 -39.08 25.31
N ALA E 163 -17.54 -40.10 24.47
CA ALA E 163 -16.32 -40.49 23.76
C ALA E 163 -16.64 -40.61 22.27
N ASP E 164 -16.07 -39.71 21.47
CA ASP E 164 -16.17 -39.81 20.02
C ASP E 164 -15.03 -40.67 19.48
N GLU E 165 -15.23 -41.98 19.59
CA GLU E 165 -14.39 -43.05 19.05
C GLU E 165 -12.94 -42.95 19.50
N PRO E 166 -12.63 -43.34 20.74
CA PRO E 166 -11.23 -43.31 21.21
C PRO E 166 -10.31 -44.24 20.43
N THR E 167 -10.80 -45.41 20.03
CA THR E 167 -10.04 -46.32 19.19
C THR E 167 -10.30 -45.97 17.73
N GLY E 168 -9.92 -46.86 16.81
CA GLY E 168 -10.15 -46.60 15.41
C GLY E 168 -8.87 -46.68 14.61
N ASN E 169 -7.78 -46.25 15.24
CA ASN E 169 -6.43 -46.44 14.72
C ASN E 169 -5.57 -47.17 15.75
N LEU E 170 -6.18 -48.12 16.44
CA LEU E 170 -5.51 -48.97 17.42
C LEU E 170 -5.77 -50.42 17.08
N ASP E 171 -4.86 -51.29 17.54
CA ASP E 171 -5.01 -52.72 17.33
C ASP E 171 -6.17 -53.26 18.18
N PRO E 172 -6.74 -54.40 17.79
CA PRO E 172 -7.63 -55.12 18.72
C PRO E 172 -6.95 -55.53 20.01
N GLU E 173 -5.65 -55.85 19.96
CA GLU E 173 -4.90 -56.09 21.18
C GLU E 173 -4.70 -54.82 21.99
N THR E 174 -4.47 -53.68 21.33
CA THR E 174 -4.27 -52.42 22.02
C THR E 174 -5.57 -51.68 22.30
N SER E 175 -6.71 -52.24 21.93
CA SER E 175 -7.99 -51.68 22.34
C SER E 175 -8.55 -52.33 23.59
N ARG E 176 -7.97 -53.45 24.02
CA ARG E 176 -8.47 -54.16 25.19
C ARG E 176 -8.21 -53.38 26.47
N ASP E 177 -7.04 -52.75 26.58
CA ASP E 177 -6.65 -52.04 27.78
C ASP E 177 -7.30 -50.66 27.90
N ILE E 178 -8.02 -50.18 26.88
CA ILE E 178 -8.58 -48.84 26.92
C ILE E 178 -10.12 -48.82 26.90
N MET E 179 -10.72 -49.96 26.56
CA MET E 179 -12.16 -50.07 26.69
C MET E 179 -12.46 -50.37 28.16
N ASP E 180 -11.63 -51.17 28.83
CA ASP E 180 -11.83 -51.43 30.25
C ASP E 180 -11.23 -50.34 31.14
N LEU E 181 -10.37 -49.48 30.59
CA LEU E 181 -9.85 -48.34 31.34
C LEU E 181 -10.99 -47.39 31.70
N LEU E 182 -11.95 -47.22 30.79
CA LEU E 182 -13.15 -46.45 31.08
C LEU E 182 -14.12 -47.17 32.00
N GLU E 183 -13.96 -48.48 32.19
CA GLU E 183 -14.92 -49.24 33.01
C GLU E 183 -14.79 -48.90 34.50
N ARG E 184 -13.55 -48.80 35.00
CA ARG E 184 -13.36 -48.34 36.37
C ARG E 184 -13.80 -46.89 36.55
N ILE E 185 -13.58 -46.07 35.52
CA ILE E 185 -14.02 -44.68 35.53
C ILE E 185 -15.54 -44.61 35.60
N ASN E 186 -16.22 -45.52 34.89
CA ASN E 186 -17.67 -45.60 34.95
C ASN E 186 -18.17 -46.04 36.31
N ARG E 187 -17.56 -47.08 36.89
CA ARG E 187 -18.11 -47.62 38.13
C ARG E 187 -17.78 -46.73 39.32
N THR E 188 -16.72 -45.93 39.23
CA THR E 188 -16.40 -45.05 40.35
C THR E 188 -17.29 -43.81 40.39
N GLY E 189 -17.18 -42.94 39.39
CA GLY E 189 -17.76 -41.62 39.54
C GLY E 189 -18.67 -41.08 38.45
N THR E 190 -18.63 -41.63 37.24
CA THR E 190 -19.25 -40.94 36.12
C THR E 190 -20.11 -41.88 35.30
N THR E 191 -20.92 -41.29 34.44
CA THR E 191 -21.51 -41.99 33.31
C THR E 191 -20.66 -41.75 32.07
N VAL E 192 -20.72 -42.70 31.14
CA VAL E 192 -19.81 -42.72 30.00
C VAL E 192 -20.59 -43.15 28.75
N LEU E 193 -20.31 -42.46 27.64
CA LEU E 193 -20.94 -42.75 26.36
C LEU E 193 -19.83 -42.97 25.35
N MET E 194 -19.44 -44.23 25.14
CA MET E 194 -18.40 -44.57 24.20
C MET E 194 -19.08 -44.87 22.87
N ALA E 195 -19.12 -43.87 21.99
CA ALA E 195 -19.79 -44.00 20.70
C ALA E 195 -18.89 -44.81 19.77
N THR E 196 -19.26 -46.08 19.58
CA THR E 196 -18.45 -46.99 18.80
C THR E 196 -18.65 -46.76 17.30
N HIS E 197 -17.85 -47.47 16.52
CA HIS E 197 -17.84 -47.40 15.07
C HIS E 197 -18.08 -48.75 14.42
N ASP E 198 -17.52 -49.82 14.99
CA ASP E 198 -17.66 -51.17 14.49
C ASP E 198 -18.61 -51.96 15.40
N HIS E 199 -18.69 -53.27 15.17
CA HIS E 199 -19.50 -54.16 15.98
C HIS E 199 -18.69 -55.29 16.61
N HIS E 200 -17.39 -55.39 16.31
CA HIS E 200 -16.57 -56.46 16.88
C HIS E 200 -16.36 -56.26 18.37
N ILE E 201 -16.01 -55.05 18.80
CA ILE E 201 -15.72 -54.78 20.20
C ILE E 201 -17.02 -54.67 21.00
N VAL E 202 -18.15 -54.46 20.32
CA VAL E 202 -19.43 -54.24 21.01
C VAL E 202 -19.89 -55.51 21.71
N ASP E 203 -19.87 -56.64 21.00
CA ASP E 203 -20.30 -57.91 21.58
C ASP E 203 -19.13 -58.66 22.21
N SER E 204 -18.40 -57.99 23.09
CA SER E 204 -17.28 -58.58 23.79
C SER E 204 -17.44 -58.55 25.31
N MET E 205 -17.69 -57.37 25.89
CA MET E 205 -17.87 -57.26 27.32
C MET E 205 -19.33 -57.42 27.76
N ARG E 206 -20.26 -57.50 26.80
CA ARG E 206 -21.69 -57.70 27.03
C ARG E 206 -22.29 -56.60 27.93
N GLN E 207 -22.28 -55.38 27.39
CA GLN E 207 -22.79 -54.22 28.10
C GLN E 207 -23.93 -53.58 27.30
N ARG E 208 -24.37 -52.41 27.76
CA ARG E 208 -25.49 -51.72 27.14
C ARG E 208 -25.12 -51.22 25.75
N VAL E 209 -26.07 -51.28 24.83
CA VAL E 209 -25.84 -50.95 23.43
C VAL E 209 -26.98 -50.05 22.95
N VAL E 210 -26.65 -49.08 22.09
CA VAL E 210 -27.62 -48.21 21.44
C VAL E 210 -27.39 -48.31 19.93
N GLU E 211 -28.45 -48.57 19.19
CA GLU E 211 -28.37 -48.60 17.73
C GLU E 211 -29.10 -47.41 17.14
N LEU E 212 -28.40 -46.67 16.29
CA LEU E 212 -28.96 -45.47 15.66
C LEU E 212 -28.73 -45.59 14.17
N SER E 213 -29.81 -45.84 13.42
CA SER E 213 -29.76 -45.96 11.96
C SER E 213 -30.53 -44.79 11.37
N LEU E 214 -29.79 -43.74 10.99
CA LEU E 214 -30.31 -42.48 10.45
C LEU E 214 -31.32 -41.84 11.40
N GLY E 215 -31.03 -41.92 12.70
CA GLY E 215 -31.89 -41.35 13.73
C GLY E 215 -32.97 -42.28 14.25
N ARG E 216 -32.96 -43.55 13.88
CA ARG E 216 -33.99 -44.50 14.28
C ARG E 216 -33.46 -45.42 15.35
N LEU E 217 -34.26 -45.66 16.38
CA LEU E 217 -33.90 -46.58 17.44
C LEU E 217 -34.08 -48.02 16.94
N VAL E 218 -32.99 -48.78 16.91
CA VAL E 218 -33.03 -50.12 16.33
C VAL E 218 -32.74 -51.22 17.34
N ARG E 219 -31.96 -50.96 18.40
CA ARG E 219 -31.64 -51.98 19.38
C ARG E 219 -31.34 -51.27 20.71
N ASP E 220 -32.31 -51.31 21.62
CA ASP E 220 -32.18 -50.59 22.89
C ASP E 220 -32.79 -51.45 23.99
N GLU E 221 -31.95 -52.23 24.67
CA GLU E 221 -32.38 -53.05 25.80
C GLU E 221 -31.49 -52.94 27.02
N GLN E 222 -30.25 -52.44 26.87
CA GLN E 222 -29.29 -52.23 27.96
C GLN E 222 -28.99 -53.52 28.73
N ARG E 223 -28.95 -54.64 28.00
CA ARG E 223 -28.63 -55.93 28.60
C ARG E 223 -28.05 -56.84 27.53
N GLY E 224 -27.24 -57.80 27.96
CA GLY E 224 -26.61 -58.71 27.02
C GLY E 224 -25.56 -58.02 26.16
N VAL E 225 -25.30 -58.62 25.01
CA VAL E 225 -24.33 -58.09 24.07
C VAL E 225 -24.91 -56.89 23.32
PG ATP F . -0.63 -44.42 11.05
O1G ATP F . -1.12 -43.31 11.91
O2G ATP F . -1.66 -45.53 10.85
O3G ATP F . -0.11 -43.96 9.69
PB ATP F . 2.18 -44.98 11.88
O1B ATP F . 2.82 -44.58 10.61
O2B ATP F . 2.72 -46.25 12.53
O3B ATP F . 0.62 -45.15 11.73
PA ATP F . 3.34 -42.69 13.36
O1A ATP F . 3.13 -42.23 14.76
O2A ATP F . 3.26 -41.60 12.29
O3A ATP F . 2.28 -43.81 12.97
O5' ATP F . 4.72 -43.44 13.23
C5' ATP F . 5.21 -44.29 14.28
C4' ATP F . 6.72 -44.20 14.31
O4' ATP F . 7.15 -43.19 13.38
C3' ATP F . 7.31 -43.82 15.66
O3' ATP F . 8.59 -44.42 15.84
C2' ATP F . 7.41 -42.30 15.55
O2' ATP F . 8.43 -41.76 16.40
C1' ATP F . 7.80 -42.13 14.09
N9 ATP F . 7.37 -40.86 13.50
C8 ATP F . 6.10 -40.49 13.16
N7 ATP F . 6.01 -39.29 12.64
C5 ATP F . 7.32 -38.84 12.65
C6 ATP F . 7.90 -37.63 12.24
N6 ATP F . 7.22 -36.60 11.71
N1 ATP F . 9.24 -37.49 12.39
C2 ATP F . 9.93 -38.50 12.90
N3 ATP F . 9.49 -39.69 13.33
C4 ATP F . 8.17 -39.80 13.17
PG ATP G . -18.15 -39.69 12.38
O1G ATP G . -17.57 -38.53 11.64
O2G ATP G . -17.48 -41.03 12.05
O3G ATP G . -18.15 -39.52 13.91
PB ATP G . -20.95 -39.05 11.58
O1B ATP G . -21.59 -38.40 12.74
O2B ATP G . -21.85 -39.96 10.74
O3B ATP G . -19.68 -39.90 11.99
PA ATP G . -20.60 -36.46 10.19
O1A ATP G . -20.08 -36.15 8.84
O2A ATP G . -20.04 -35.59 11.32
O3A ATP G . -20.32 -37.97 10.60
O5' ATP G . -22.17 -36.36 10.23
C5' ATP G . -22.98 -36.95 9.19
C4' ATP G . -24.35 -36.33 9.23
O4' ATP G . -24.25 -34.98 9.73
C3' ATP G . -25.05 -36.21 7.88
O3' ATP G . -26.46 -36.23 8.03
C2' ATP G . -24.56 -34.85 7.38
O2' ATP G . -25.47 -34.25 6.47
C1' ATP G . -24.50 -34.05 8.68
N9 ATP G . -23.45 -33.04 8.71
C8 ATP G . -22.30 -33.05 9.47
N7 ATP G . -21.53 -32.02 9.29
C5 ATP G . -22.20 -31.26 8.35
C6 ATP G . -21.92 -30.03 7.72
N6 ATP G . -20.82 -29.32 7.98
N1 ATP G . -22.80 -29.55 6.84
C2 ATP G . -23.91 -30.26 6.58
N3 ATP G . -24.29 -31.43 7.10
C4 ATP G . -23.39 -31.88 7.98
#